data_2W0H
#
_entry.id   2W0H
#
_cell.length_a   102.945
_cell.length_b   102.945
_cell.length_c   193.129
_cell.angle_alpha   90.00
_cell.angle_beta   90.00
_cell.angle_gamma   90.00
#
_symmetry.space_group_name_H-M   'P 41'
#
loop_
_entity.id
_entity.type
_entity.pdbx_description
1 polymer 'TRYPANOTHIONE REDUCTASE'
2 non-polymer 'FLAVIN-ADENINE DINUCLEOTIDE'
3 non-polymer 'ANTIMONY (III) ION'
4 non-polymer 'NADPH DIHYDRO-NICOTINAMIDE-ADENINE-DINUCLEOTIDE PHOSPHATE'
5 non-polymer 'SULFATE ION'
6 water water
#
_entity_poly.entity_id   1
_entity_poly.type   'polypeptide(L)'
_entity_poly.pdbx_seq_one_letter_code
;MGSSHHHHHHSSGLVPRGSHMSRAYDLVVLGAGSGGLEAGWNAAVTHKKKVAVVDVQATHGPPLFAALGGTCVNVGCVPK
KLMVTGAQYMDLIRESGGFGWEMDRESLCPNWKTLIAAKNKVVNSINESYKSMFADTEGLSFHMGFGALQDAHTVVVRKS
EDPHSDVLETLDTEYILIATGSWPTRLGVPGDEFCITSNEAFYLEDAPKRMLCVGGGYIAVEFAGIFNGYKPCGGYVDLC
YRGDLILRGFDTEVRKSLTKQLGANGIRVRTNLNPTKITKNEDGSNHVHFNDGTEEDYDQVMLAIGRVPRSQALQLDKAG
VRTGKNGAVQVDAYSKTSVDNIYAIGDVTNRVMLTPVAINEGAAFVETVFGGKPRATDHTKVACAVFSIPPIGTCGMTEE
EAAKNYETVAVYASSFTPLMHNISGSKHKEFMIRIITNESNGEVLGVHMLGDSAPEIIQSVGICMKMGAKISDFHSTIGV
HPTSAEELCSMRTPAYFYESGKRVEKLSSNL
;
_entity_poly.pdbx_strand_id   A,B
#
# COMPACT_ATOMS: atom_id res chain seq x y z
N SER A 22 8.64 -33.58 -37.72
CA SER A 22 9.74 -32.80 -38.38
C SER A 22 10.96 -32.58 -37.47
N ARG A 23 10.84 -31.64 -36.52
CA ARG A 23 11.98 -31.25 -35.69
C ARG A 23 11.90 -31.83 -34.27
N ALA A 24 13.06 -31.91 -33.61
CA ALA A 24 13.16 -32.40 -32.23
C ALA A 24 12.30 -31.60 -31.24
N TYR A 25 12.41 -30.27 -31.29
CA TYR A 25 11.63 -29.38 -30.41
C TYR A 25 10.80 -28.38 -31.22
N ASP A 26 9.73 -27.88 -30.61
CA ASP A 26 8.95 -26.79 -31.20
C ASP A 26 9.58 -25.44 -30.88
N LEU A 27 10.15 -25.33 -29.70
CA LEU A 27 10.68 -24.07 -29.22
C LEU A 27 11.95 -24.27 -28.40
N VAL A 28 13.02 -23.62 -28.83
CA VAL A 28 14.19 -23.45 -27.97
C VAL A 28 14.22 -22.02 -27.46
N VAL A 29 14.14 -21.88 -26.13
CA VAL A 29 14.22 -20.58 -25.48
C VAL A 29 15.63 -20.40 -24.90
N LEU A 30 16.32 -19.36 -25.36
CA LEU A 30 17.63 -19.01 -24.81
C LEU A 30 17.42 -18.08 -23.62
N GLY A 31 17.80 -18.55 -22.43
CA GLY A 31 17.59 -17.81 -21.21
C GLY A 31 16.35 -18.26 -20.47
N ALA A 32 16.57 -18.79 -19.27
CA ALA A 32 15.49 -19.25 -18.40
C ALA A 32 15.09 -18.15 -17.43
N GLY A 33 14.79 -16.98 -17.97
CA GLY A 33 14.46 -15.80 -17.17
C GLY A 33 12.96 -15.54 -17.08
N SER A 34 12.61 -14.35 -16.60
CA SER A 34 11.21 -13.93 -16.44
C SER A 34 10.43 -14.08 -17.75
N GLY A 35 11.08 -13.77 -18.86
CA GLY A 35 10.51 -13.98 -20.19
C GLY A 35 10.59 -15.42 -20.64
N GLY A 36 11.77 -16.01 -20.52
CA GLY A 36 12.01 -17.40 -20.93
C GLY A 36 11.07 -18.40 -20.28
N LEU A 37 11.06 -18.41 -18.95
CA LEU A 37 10.24 -19.32 -18.17
C LEU A 37 8.74 -19.15 -18.40
N GLU A 38 8.32 -17.93 -18.72
CA GLU A 38 6.90 -17.66 -18.99
C GLU A 38 6.51 -18.29 -20.31
N ALA A 39 7.31 -18.03 -21.34
CA ALA A 39 7.05 -18.57 -22.67
C ALA A 39 7.19 -20.08 -22.67
N GLY A 40 8.32 -20.56 -22.14
CA GLY A 40 8.58 -21.99 -22.05
C GLY A 40 7.44 -22.76 -21.43
N TRP A 41 7.07 -22.38 -20.20
CA TRP A 41 5.99 -23.05 -19.47
C TRP A 41 4.67 -23.03 -20.23
N ASN A 42 4.32 -21.88 -20.78
CA ASN A 42 3.06 -21.71 -21.50
C ASN A 42 2.93 -22.65 -22.70
N ALA A 43 3.93 -22.59 -23.57
CA ALA A 43 4.00 -23.43 -24.77
C ALA A 43 3.89 -24.91 -24.43
N ALA A 44 4.61 -25.31 -23.37
CA ALA A 44 4.67 -26.70 -22.96
C ALA A 44 3.43 -27.21 -22.23
N VAL A 45 2.80 -26.36 -21.41
CA VAL A 45 1.69 -26.82 -20.58
C VAL A 45 0.32 -26.52 -21.18
N THR A 46 0.06 -25.25 -21.48
CA THR A 46 -1.23 -24.85 -22.05
C THR A 46 -1.41 -25.28 -23.51
N HIS A 47 -0.30 -25.57 -24.19
CA HIS A 47 -0.35 -25.96 -25.60
C HIS A 47 0.36 -27.28 -25.93
N LYS A 48 0.97 -27.90 -24.93
CA LYS A 48 1.65 -29.18 -25.08
C LYS A 48 2.59 -29.19 -26.29
N LYS A 49 3.65 -28.39 -26.20
CA LYS A 49 4.70 -28.38 -27.21
C LYS A 49 6.01 -28.82 -26.58
N LYS A 50 6.92 -29.32 -27.42
CA LYS A 50 8.25 -29.73 -26.97
C LYS A 50 9.11 -28.48 -26.83
N VAL A 51 9.48 -28.16 -25.59
CA VAL A 51 10.19 -26.92 -25.29
C VAL A 51 11.53 -27.20 -24.58
N ALA A 52 12.61 -26.76 -25.21
CA ALA A 52 13.94 -26.84 -24.61
C ALA A 52 14.33 -25.45 -24.14
N VAL A 53 14.75 -25.35 -22.88
CA VAL A 53 15.11 -24.07 -22.31
C VAL A 53 16.59 -24.07 -21.92
N VAL A 54 17.36 -23.19 -22.53
CA VAL A 54 18.81 -23.13 -22.29
C VAL A 54 19.14 -22.02 -21.30
N ASP A 55 20.00 -22.33 -20.33
CA ASP A 55 20.54 -21.31 -19.41
C ASP A 55 21.90 -21.75 -18.88
N VAL A 56 22.54 -20.86 -18.13
CA VAL A 56 23.93 -21.00 -17.72
C VAL A 56 24.14 -21.97 -16.55
N GLN A 57 23.25 -21.91 -15.56
CA GLN A 57 23.33 -22.76 -14.36
C GLN A 57 21.97 -22.91 -13.68
N ALA A 58 21.89 -23.79 -12.68
CA ALA A 58 20.62 -24.02 -11.98
C ALA A 58 20.44 -23.17 -10.72
N THR A 59 21.53 -22.95 -9.98
CA THR A 59 21.49 -22.19 -8.73
C THR A 59 22.30 -20.90 -8.80
N HIS A 60 21.83 -19.87 -8.09
CA HIS A 60 22.51 -18.57 -8.02
C HIS A 60 23.95 -18.73 -7.53
N GLY A 61 24.88 -17.97 -8.09
CA GLY A 61 26.29 -18.13 -7.73
C GLY A 61 27.28 -17.25 -8.46
N PRO A 62 28.20 -16.61 -7.69
CA PRO A 62 29.19 -15.62 -8.13
C PRO A 62 29.89 -15.88 -9.47
N PRO A 63 30.41 -17.11 -9.73
CA PRO A 63 31.15 -17.24 -10.99
C PRO A 63 30.40 -16.70 -12.23
N LEU A 64 29.08 -16.94 -12.30
CA LEU A 64 28.29 -16.58 -13.50
C LEU A 64 27.02 -15.78 -13.16
N PHE A 65 26.70 -15.72 -11.86
CA PHE A 65 25.62 -14.89 -11.30
C PHE A 65 24.19 -15.35 -11.62
N ALA A 66 23.75 -15.07 -12.85
CA ALA A 66 22.40 -15.42 -13.28
C ALA A 66 22.22 -16.93 -13.37
N ALA A 67 20.98 -17.40 -13.16
CA ALA A 67 20.69 -18.82 -13.18
C ALA A 67 19.24 -19.08 -13.62
N LEU A 68 18.69 -20.20 -13.16
CA LEU A 68 17.30 -20.57 -13.41
C LEU A 68 16.38 -19.56 -12.71
N GLY A 69 15.55 -18.89 -13.50
CA GLY A 69 14.71 -17.81 -12.98
C GLY A 69 15.15 -16.44 -13.47
N GLY A 70 16.37 -16.38 -14.01
CA GLY A 70 16.91 -15.15 -14.58
C GLY A 70 17.48 -14.17 -13.57
N THR A 71 17.66 -12.93 -14.00
CA THR A 71 18.18 -11.87 -13.13
C THR A 71 17.20 -11.59 -12.01
N CYS A 72 15.92 -11.43 -12.37
CA CYS A 72 14.86 -11.18 -11.40
C CYS A 72 14.98 -12.04 -10.14
N VAL A 73 15.11 -13.35 -10.34
CA VAL A 73 15.15 -14.31 -9.24
C VAL A 73 16.51 -14.35 -8.54
N ASN A 74 17.58 -14.33 -9.32
CA ASN A 74 18.93 -14.60 -8.81
C ASN A 74 19.76 -13.39 -8.36
N VAL A 75 20.01 -12.46 -9.27
CA VAL A 75 20.83 -11.28 -8.99
C VAL A 75 20.11 -9.97 -9.30
N GLY A 76 18.79 -9.97 -9.14
CA GLY A 76 17.99 -8.80 -9.43
C GLY A 76 16.94 -8.55 -8.38
N CYS A 77 15.72 -8.31 -8.84
CA CYS A 77 14.63 -7.85 -7.99
C CYS A 77 14.40 -8.62 -6.68
N VAL A 78 14.33 -9.95 -6.76
CA VAL A 78 13.95 -10.77 -5.60
C VAL A 78 14.89 -10.58 -4.39
N PRO A 79 16.21 -10.82 -4.55
CA PRO A 79 17.11 -10.57 -3.43
C PRO A 79 17.22 -9.09 -3.07
N LYS A 80 17.13 -8.22 -4.08
CA LYS A 80 17.13 -6.77 -3.89
C LYS A 80 16.07 -6.40 -2.87
N LYS A 81 14.82 -6.75 -3.17
CA LYS A 81 13.68 -6.43 -2.32
C LYS A 81 13.85 -6.94 -0.89
N LEU A 82 14.49 -8.10 -0.74
CA LEU A 82 14.79 -8.66 0.58
C LEU A 82 15.72 -7.77 1.37
N MET A 83 16.79 -7.32 0.73
CA MET A 83 17.80 -6.50 1.38
C MET A 83 17.29 -5.09 1.68
N VAL A 84 16.42 -4.59 0.81
CA VAL A 84 15.74 -3.32 1.05
C VAL A 84 14.89 -3.42 2.32
N THR A 85 14.14 -4.53 2.45
CA THR A 85 13.30 -4.78 3.63
C THR A 85 14.17 -4.81 4.88
N GLY A 86 15.35 -5.43 4.76
CA GLY A 86 16.29 -5.55 5.85
C GLY A 86 16.80 -4.20 6.31
N ALA A 87 17.19 -3.38 5.33
CA ALA A 87 17.67 -2.03 5.59
C ALA A 87 16.60 -1.16 6.25
N GLN A 88 15.37 -1.28 5.77
CA GLN A 88 14.24 -0.50 6.27
C GLN A 88 14.03 -0.58 7.78
N TYR A 89 14.57 -1.62 8.40
CA TYR A 89 14.43 -1.80 9.84
C TYR A 89 15.23 -0.76 10.64
N MET A 90 16.28 -0.21 10.03
CA MET A 90 17.08 0.83 10.67
C MET A 90 16.17 1.99 11.04
N ASP A 91 15.44 2.47 10.04
CA ASP A 91 14.44 3.50 10.22
C ASP A 91 13.36 3.07 11.22
N LEU A 92 12.87 1.84 11.09
CA LEU A 92 11.77 1.34 11.91
C LEU A 92 12.12 1.13 13.39
N ILE A 93 13.37 0.76 13.67
CA ILE A 93 13.82 0.58 15.04
C ILE A 93 14.02 1.94 15.71
N ARG A 94 14.63 2.86 14.97
CA ARG A 94 14.80 4.23 15.40
C ARG A 94 13.43 4.85 15.75
N GLU A 95 12.46 4.65 14.85
CA GLU A 95 11.13 5.25 14.96
C GLU A 95 10.29 4.73 16.13
N SER A 96 10.53 3.48 16.51
CA SER A 96 9.72 2.81 17.54
C SER A 96 9.84 3.48 18.90
N GLY A 97 10.99 4.13 19.12
CA GLY A 97 11.27 4.84 20.36
C GLY A 97 10.19 5.81 20.77
N GLY A 98 9.80 6.68 19.84
CA GLY A 98 8.72 7.64 20.06
C GLY A 98 7.43 7.01 20.54
N PHE A 99 7.18 5.78 20.12
CA PHE A 99 5.96 5.06 20.48
C PHE A 99 6.02 4.30 21.80
N GLY A 100 7.19 4.28 22.44
CA GLY A 100 7.37 3.68 23.75
C GLY A 100 8.30 2.50 23.78
N TRP A 101 8.83 2.13 22.62
CA TRP A 101 9.67 0.96 22.51
C TRP A 101 11.12 1.28 22.90
N GLU A 102 11.42 1.05 24.18
CA GLU A 102 12.73 1.33 24.76
C GLU A 102 13.66 0.12 24.67
N MET A 103 14.85 0.34 24.11
CA MET A 103 15.88 -0.70 23.96
C MET A 103 17.24 -0.06 23.67
N ASP A 104 18.32 -0.82 23.88
CA ASP A 104 19.67 -0.32 23.67
C ASP A 104 19.96 0.00 22.20
N ARG A 105 19.88 1.29 21.87
CA ARG A 105 19.95 1.74 20.48
C ARG A 105 21.32 2.31 20.04
N GLU A 106 22.05 2.91 20.97
CA GLU A 106 23.34 3.52 20.60
C GLU A 106 24.41 2.46 20.29
N SER A 107 25.20 2.74 19.26
CA SER A 107 26.27 1.84 18.75
C SER A 107 25.76 0.51 18.16
N LEU A 108 24.50 0.50 17.70
CA LEU A 108 23.89 -0.73 17.18
C LEU A 108 23.81 -0.76 15.65
N CYS A 109 24.52 -1.72 15.06
CA CYS A 109 24.53 -1.93 13.61
C CYS A 109 24.12 -3.37 13.29
N PRO A 110 23.58 -3.60 12.09
CA PRO A 110 23.04 -4.93 11.76
C PRO A 110 24.12 -5.93 11.33
N ASN A 111 23.77 -7.22 11.34
CA ASN A 111 24.64 -8.28 10.85
C ASN A 111 24.39 -8.54 9.36
N TRP A 112 25.37 -8.17 8.54
CA TRP A 112 25.28 -8.33 7.09
C TRP A 112 25.33 -9.79 6.69
N LYS A 113 26.23 -10.53 7.34
CA LYS A 113 26.50 -11.93 6.99
C LYS A 113 25.24 -12.78 7.12
N THR A 114 24.48 -12.58 8.19
CA THR A 114 23.24 -13.33 8.40
C THR A 114 22.14 -12.91 7.41
N LEU A 115 22.20 -11.68 6.91
CA LEU A 115 21.27 -11.24 5.86
C LEU A 115 21.55 -11.99 4.56
N ILE A 116 22.81 -11.95 4.12
CA ILE A 116 23.22 -12.63 2.90
C ILE A 116 22.97 -14.13 3.02
N ALA A 117 23.18 -14.68 4.22
CA ALA A 117 22.86 -16.07 4.52
C ALA A 117 21.39 -16.35 4.24
N ALA A 118 20.52 -15.63 4.94
CA ALA A 118 19.08 -15.76 4.80
C ALA A 118 18.61 -15.48 3.37
N LYS A 119 19.28 -14.53 2.71
CA LYS A 119 19.00 -14.21 1.31
C LYS A 119 19.27 -15.40 0.40
N ASN A 120 20.44 -16.01 0.57
CA ASN A 120 20.83 -17.19 -0.21
C ASN A 120 19.85 -18.34 -0.06
N LYS A 121 19.39 -18.56 1.17
CA LYS A 121 18.42 -19.61 1.48
C LYS A 121 17.16 -19.45 0.64
N VAL A 122 16.62 -18.23 0.63
CA VAL A 122 15.39 -17.94 -0.12
C VAL A 122 15.57 -18.11 -1.62
N VAL A 123 16.64 -17.54 -2.17
CA VAL A 123 16.91 -17.64 -3.61
C VAL A 123 17.11 -19.09 -4.03
N ASN A 124 17.94 -19.81 -3.27
CA ASN A 124 18.24 -21.20 -3.55
C ASN A 124 16.99 -22.06 -3.58
N SER A 125 16.08 -21.83 -2.63
CA SER A 125 14.81 -22.56 -2.58
C SER A 125 13.98 -22.33 -3.83
N ILE A 126 14.07 -21.14 -4.42
CA ILE A 126 13.36 -20.84 -5.66
C ILE A 126 14.06 -21.52 -6.84
N ASN A 127 15.39 -21.50 -6.84
CA ASN A 127 16.17 -22.26 -7.82
C ASN A 127 15.73 -23.72 -7.85
N GLU A 128 15.54 -24.28 -6.67
CA GLU A 128 15.17 -25.67 -6.50
C GLU A 128 13.75 -25.94 -7.03
N SER A 129 12.84 -25.04 -6.70
CA SER A 129 11.46 -25.10 -7.17
C SER A 129 11.38 -25.15 -8.69
N TYR A 130 12.34 -24.51 -9.35
CA TYR A 130 12.41 -24.50 -10.81
C TYR A 130 13.04 -25.76 -11.38
N LYS A 131 13.94 -26.39 -10.61
CA LYS A 131 14.53 -27.66 -11.01
C LYS A 131 13.47 -28.76 -11.07
N SER A 132 12.69 -28.87 -9.99
CA SER A 132 11.64 -29.87 -9.91
C SER A 132 10.50 -29.58 -10.89
N MET A 133 10.29 -28.30 -11.23
CA MET A 133 9.29 -27.92 -12.23
C MET A 133 9.57 -28.58 -13.58
N PHE A 134 10.84 -28.53 -14.01
CA PHE A 134 11.28 -29.15 -15.26
C PHE A 134 11.13 -30.67 -15.22
N ALA A 135 11.49 -31.26 -14.09
CA ALA A 135 11.35 -32.69 -13.86
C ALA A 135 9.88 -33.15 -13.91
N ASP A 136 8.97 -32.31 -13.41
CA ASP A 136 7.56 -32.68 -13.32
C ASP A 136 6.75 -32.30 -14.57
N THR A 137 7.28 -31.39 -15.38
CA THR A 137 6.57 -30.95 -16.58
C THR A 137 7.09 -31.65 -17.82
N GLU A 138 6.18 -32.32 -18.52
CA GLU A 138 6.51 -33.02 -19.75
C GLU A 138 6.37 -32.06 -20.91
N GLY A 139 7.36 -32.07 -21.80
CA GLY A 139 7.47 -31.07 -22.86
C GLY A 139 8.60 -30.11 -22.53
N LEU A 140 8.69 -29.73 -21.27
CA LEU A 140 9.75 -28.85 -20.77
C LEU A 140 11.00 -29.62 -20.40
N SER A 141 12.15 -29.09 -20.80
CA SER A 141 13.44 -29.64 -20.41
C SER A 141 14.47 -28.52 -20.29
N PHE A 142 15.32 -28.61 -19.28
CA PHE A 142 16.38 -27.62 -19.07
C PHE A 142 17.71 -28.11 -19.61
N HIS A 143 18.40 -27.25 -20.35
CA HIS A 143 19.66 -27.60 -21.00
C HIS A 143 20.74 -26.62 -20.60
N MET A 144 21.66 -27.06 -19.76
CA MET A 144 22.63 -26.19 -19.12
C MET A 144 23.88 -25.92 -19.97
N GLY A 145 24.12 -24.63 -20.22
CA GLY A 145 25.24 -24.17 -21.04
C GLY A 145 24.94 -22.85 -21.73
N PHE A 146 25.82 -22.45 -22.65
CA PHE A 146 25.64 -21.21 -23.39
C PHE A 146 25.09 -21.45 -24.79
N GLY A 147 23.82 -21.13 -24.97
CA GLY A 147 23.16 -21.26 -26.27
C GLY A 147 23.63 -20.21 -27.24
N ALA A 148 23.76 -20.62 -28.51
CA ALA A 148 24.18 -19.74 -29.60
C ALA A 148 23.52 -20.22 -30.89
N LEU A 149 23.26 -19.29 -31.81
CA LEU A 149 22.54 -19.63 -33.04
C LEU A 149 23.47 -20.18 -34.11
N GLN A 150 22.95 -21.12 -34.90
CA GLN A 150 23.70 -21.70 -36.01
C GLN A 150 23.00 -21.37 -37.33
N ASP A 151 21.69 -21.53 -37.34
CA ASP A 151 20.83 -21.03 -38.41
C ASP A 151 19.43 -20.82 -37.87
N ALA A 152 18.47 -20.66 -38.78
CA ALA A 152 17.07 -20.43 -38.42
C ALA A 152 16.47 -21.49 -37.49
N HIS A 153 17.06 -22.68 -37.47
CA HIS A 153 16.46 -23.82 -36.75
C HIS A 153 17.41 -24.58 -35.82
N THR A 154 18.65 -24.11 -35.71
CA THR A 154 19.66 -24.79 -34.89
C THR A 154 20.27 -23.91 -33.81
N VAL A 155 19.96 -24.25 -32.55
CA VAL A 155 20.61 -23.63 -31.40
C VAL A 155 21.67 -24.60 -30.88
N VAL A 156 22.87 -24.09 -30.67
CA VAL A 156 24.00 -24.91 -30.29
C VAL A 156 24.42 -24.56 -28.87
N VAL A 157 24.23 -25.49 -27.95
CA VAL A 157 24.63 -25.28 -26.56
C VAL A 157 26.11 -25.63 -26.40
N ARG A 158 26.91 -24.65 -25.97
CA ARG A 158 28.33 -24.85 -25.70
C ARG A 158 28.57 -24.72 -24.20
N LYS A 159 29.75 -25.13 -23.74
CA LYS A 159 30.05 -25.04 -22.31
C LYS A 159 30.55 -23.66 -21.89
N SER A 160 31.00 -22.87 -22.88
CA SER A 160 31.53 -21.53 -22.63
C SER A 160 30.90 -20.51 -23.59
N GLU A 161 31.14 -19.23 -23.30
CA GLU A 161 30.74 -18.15 -24.20
C GLU A 161 31.66 -18.15 -25.43
N ASP A 162 32.90 -18.58 -25.21
CA ASP A 162 33.89 -18.83 -26.27
C ASP A 162 33.34 -19.82 -27.28
N PRO A 163 33.14 -19.38 -28.54
CA PRO A 163 32.60 -20.25 -29.59
C PRO A 163 33.59 -21.31 -30.09
N HIS A 164 34.59 -21.62 -29.28
CA HIS A 164 35.53 -22.70 -29.55
C HIS A 164 35.52 -23.76 -28.45
N SER A 165 34.78 -23.49 -27.38
CA SER A 165 34.56 -24.50 -26.33
C SER A 165 33.70 -25.64 -26.88
N ASP A 166 33.70 -26.76 -26.15
CA ASP A 166 33.04 -27.97 -26.60
C ASP A 166 31.53 -27.81 -26.75
N VAL A 167 31.02 -28.37 -27.84
CA VAL A 167 29.59 -28.42 -28.12
C VAL A 167 28.94 -29.50 -27.25
N LEU A 168 28.05 -29.09 -26.35
CA LEU A 168 27.35 -30.02 -25.46
C LEU A 168 26.12 -30.66 -26.11
N GLU A 169 25.28 -29.84 -26.73
CA GLU A 169 24.09 -30.30 -27.42
C GLU A 169 23.91 -29.52 -28.71
N THR A 170 23.05 -30.03 -29.58
CA THR A 170 22.67 -29.36 -30.81
C THR A 170 21.17 -29.51 -30.98
N LEU A 171 20.44 -28.43 -30.73
CA LEU A 171 18.99 -28.49 -30.64
C LEU A 171 18.31 -28.08 -31.95
N ASP A 172 17.68 -29.06 -32.60
CA ASP A 172 16.90 -28.81 -33.80
C ASP A 172 15.48 -28.37 -33.40
N THR A 173 15.08 -27.20 -33.87
CA THR A 173 13.84 -26.58 -33.40
C THR A 173 13.05 -25.87 -34.51
N GLU A 174 11.74 -25.73 -34.27
CA GLU A 174 10.85 -24.95 -35.13
C GLU A 174 11.01 -23.46 -34.89
N TYR A 175 10.93 -23.05 -33.61
CA TYR A 175 11.02 -21.65 -33.22
C TYR A 175 12.13 -21.40 -32.21
N ILE A 176 12.82 -20.28 -32.39
CA ILE A 176 13.87 -19.85 -31.45
C ILE A 176 13.42 -18.58 -30.75
N LEU A 177 13.43 -18.59 -29.43
CA LEU A 177 13.12 -17.41 -28.64
C LEU A 177 14.32 -16.93 -27.83
N ILE A 178 14.73 -15.70 -28.08
CA ILE A 178 15.85 -15.09 -27.36
C ILE A 178 15.30 -14.31 -26.17
N ALA A 179 15.76 -14.67 -24.97
CA ALA A 179 15.31 -14.04 -23.74
C ALA A 179 16.46 -14.03 -22.75
N THR A 180 17.63 -13.62 -23.25
CA THR A 180 18.86 -13.63 -22.47
C THR A 180 19.10 -12.34 -21.68
N GLY A 181 18.18 -11.39 -21.80
CA GLY A 181 18.19 -10.18 -20.98
C GLY A 181 19.35 -9.22 -21.18
N SER A 182 19.82 -8.64 -20.07
CA SER A 182 20.80 -7.57 -20.08
C SER A 182 21.91 -7.73 -19.04
N TRP A 183 22.95 -6.93 -19.15
CA TRP A 183 24.20 -7.09 -18.40
C TRP A 183 24.75 -5.71 -17.97
N PRO A 184 25.32 -5.61 -16.75
CA PRO A 184 25.88 -4.33 -16.28
C PRO A 184 26.90 -3.71 -17.24
N THR A 185 26.76 -2.41 -17.48
CA THR A 185 27.70 -1.64 -18.28
C THR A 185 28.82 -1.13 -17.38
N ARG A 186 30.04 -1.23 -17.89
CA ARG A 186 31.20 -0.72 -17.20
C ARG A 186 31.50 0.68 -17.77
N LEU A 187 32.47 1.40 -17.22
CA LEU A 187 32.92 2.65 -17.84
C LEU A 187 34.44 2.66 -18.08
N GLY A 188 34.83 3.03 -19.30
CA GLY A 188 36.20 2.86 -19.80
C GLY A 188 37.39 3.40 -19.01
N VAL A 189 37.14 4.02 -17.87
CA VAL A 189 38.22 4.63 -17.06
C VAL A 189 39.25 3.62 -16.53
N PRO A 190 40.53 4.05 -16.42
CA PRO A 190 41.56 3.20 -15.82
C PRO A 190 41.26 2.83 -14.35
N GLY A 191 41.32 1.53 -14.07
CA GLY A 191 40.98 0.99 -12.76
C GLY A 191 39.53 0.54 -12.67
N ASP A 192 38.84 0.58 -13.81
CA ASP A 192 37.45 0.20 -13.93
C ASP A 192 37.13 -1.16 -13.31
N GLU A 193 38.01 -2.14 -13.57
CA GLU A 193 37.84 -3.49 -13.08
C GLU A 193 38.18 -3.69 -11.59
N PHE A 194 38.43 -2.58 -10.89
CA PHE A 194 38.59 -2.61 -9.42
C PHE A 194 37.24 -2.43 -8.72
N CYS A 195 36.24 -2.02 -9.50
CA CYS A 195 34.91 -1.74 -8.99
C CYS A 195 34.01 -2.95 -9.11
N ILE A 196 32.97 -2.97 -8.28
CA ILE A 196 31.93 -4.01 -8.35
C ILE A 196 30.70 -3.49 -9.11
N THR A 197 29.76 -4.38 -9.43
CA THR A 197 28.47 -3.99 -9.99
C THR A 197 27.36 -4.56 -9.09
N SER A 198 26.11 -4.46 -9.54
CA SER A 198 24.99 -5.01 -8.78
C SER A 198 25.11 -6.51 -8.58
N ASN A 199 25.78 -7.20 -9.50
CA ASN A 199 26.04 -8.63 -9.39
C ASN A 199 26.86 -9.00 -8.15
N GLU A 200 28.08 -8.49 -8.08
CA GLU A 200 29.02 -8.79 -6.99
C GLU A 200 28.52 -8.22 -5.66
N ALA A 201 27.65 -7.22 -5.75
CA ALA A 201 27.08 -6.58 -4.58
C ALA A 201 26.37 -7.58 -3.72
N PHE A 202 25.66 -8.51 -4.38
CA PHE A 202 24.86 -9.52 -3.71
C PHE A 202 25.68 -10.57 -2.97
N TYR A 203 27.00 -10.57 -3.21
CA TYR A 203 27.87 -11.63 -2.68
C TYR A 203 29.10 -11.10 -1.94
N LEU A 204 29.02 -9.85 -1.47
CA LEU A 204 30.09 -9.27 -0.66
C LEU A 204 30.17 -9.95 0.69
N GLU A 205 31.39 -10.25 1.12
CA GLU A 205 31.63 -10.95 2.37
C GLU A 205 31.21 -10.13 3.59
N ASP A 206 31.61 -8.86 3.59
CA ASP A 206 31.23 -7.91 4.64
C ASP A 206 30.55 -6.68 4.05
N ALA A 207 29.75 -6.01 4.88
CA ALA A 207 29.15 -4.74 4.50
C ALA A 207 30.22 -3.66 4.56
N PRO A 208 30.36 -2.86 3.49
CA PRO A 208 31.39 -1.82 3.44
C PRO A 208 31.15 -0.67 4.42
N LYS A 209 32.23 -0.19 5.04
CA LYS A 209 32.18 0.99 5.90
C LYS A 209 32.05 2.27 5.06
N ARG A 210 32.86 2.36 4.01
CA ARG A 210 32.90 3.53 3.16
C ARG A 210 32.47 3.12 1.76
N MET A 211 31.24 3.46 1.41
CA MET A 211 30.64 3.04 0.15
C MET A 211 30.49 4.18 -0.85
N LEU A 212 30.87 3.92 -2.10
CA LEU A 212 30.55 4.83 -3.20
C LEU A 212 29.67 4.14 -4.24
N CYS A 213 28.50 4.73 -4.50
CA CYS A 213 27.61 4.25 -5.54
C CYS A 213 27.64 5.22 -6.70
N VAL A 214 28.22 4.78 -7.81
CA VAL A 214 28.36 5.63 -8.99
C VAL A 214 27.12 5.54 -9.89
N GLY A 215 26.50 6.67 -10.16
CA GLY A 215 25.33 6.74 -11.03
C GLY A 215 24.09 7.26 -10.31
N GLY A 216 23.05 7.56 -11.08
CA GLY A 216 21.81 8.08 -10.51
C GLY A 216 20.57 7.41 -11.06
N GLY A 217 20.60 6.08 -11.09
CA GLY A 217 19.46 5.30 -11.58
C GLY A 217 18.84 4.39 -10.53
N TYR A 218 17.85 3.62 -10.96
CA TYR A 218 17.14 2.65 -10.12
C TYR A 218 18.08 1.92 -9.15
N ILE A 219 19.04 1.18 -9.72
CA ILE A 219 19.99 0.38 -8.94
C ILE A 219 20.79 1.26 -8.00
N ALA A 220 21.39 2.31 -8.56
CA ALA A 220 22.21 3.25 -7.81
C ALA A 220 21.53 3.71 -6.52
N VAL A 221 20.28 4.14 -6.67
CA VAL A 221 19.51 4.68 -5.56
C VAL A 221 19.10 3.58 -4.57
N GLU A 222 18.50 2.51 -5.08
CA GLU A 222 18.03 1.42 -4.23
C GLU A 222 19.15 0.81 -3.40
N PHE A 223 20.31 0.57 -4.03
CA PHE A 223 21.47 0.01 -3.35
C PHE A 223 22.14 0.94 -2.36
N ALA A 224 22.11 2.23 -2.65
CA ALA A 224 22.56 3.22 -1.69
C ALA A 224 21.79 3.03 -0.39
N GLY A 225 20.47 2.92 -0.51
CA GLY A 225 19.59 2.66 0.64
C GLY A 225 19.93 1.39 1.40
N ILE A 226 20.30 0.34 0.65
CA ILE A 226 20.69 -0.94 1.25
C ILE A 226 21.96 -0.80 2.08
N PHE A 227 23.04 -0.35 1.44
CA PHE A 227 24.33 -0.20 2.11
C PHE A 227 24.23 0.74 3.29
N ASN A 228 23.48 1.84 3.11
CA ASN A 228 23.23 2.81 4.17
C ASN A 228 22.52 2.17 5.37
N GLY A 229 21.77 1.11 5.12
CA GLY A 229 21.09 0.40 6.19
C GLY A 229 22.02 -0.56 6.91
N TYR A 230 22.92 -1.17 6.13
CA TYR A 230 23.79 -2.24 6.63
C TYR A 230 25.24 -1.83 6.91
N LYS A 231 25.52 -0.53 6.75
CA LYS A 231 26.83 0.03 7.11
C LYS A 231 27.16 -0.24 8.59
N PRO A 232 28.44 -0.59 8.88
CA PRO A 232 28.87 -0.77 10.26
C PRO A 232 29.08 0.60 10.94
N CYS A 233 29.62 0.59 12.16
CA CYS A 233 29.83 1.83 12.92
C CYS A 233 30.65 2.87 12.16
N GLY A 234 30.16 4.11 12.19
CA GLY A 234 30.82 5.24 11.56
C GLY A 234 30.91 5.14 10.05
N GLY A 235 30.15 4.20 9.49
CA GLY A 235 30.10 3.99 8.04
C GLY A 235 29.30 5.07 7.35
N TYR A 236 29.52 5.21 6.05
CA TYR A 236 28.82 6.20 5.25
C TYR A 236 28.72 5.78 3.78
N VAL A 237 27.65 6.18 3.11
CA VAL A 237 27.46 5.90 1.69
C VAL A 237 27.45 7.20 0.90
N ASP A 238 28.24 7.25 -0.16
CA ASP A 238 28.24 8.39 -1.07
C ASP A 238 27.64 7.97 -2.39
N LEU A 239 26.86 8.86 -2.98
CA LEU A 239 26.22 8.60 -4.27
C LEU A 239 26.56 9.71 -5.24
N CYS A 240 27.42 9.43 -6.21
CA CYS A 240 27.81 10.44 -7.18
C CYS A 240 27.15 10.23 -8.54
N TYR A 241 26.60 11.31 -9.09
CA TYR A 241 25.88 11.26 -10.36
C TYR A 241 26.47 12.24 -11.36
N ARG A 242 26.52 11.81 -12.62
CA ARG A 242 27.07 12.59 -13.73
C ARG A 242 26.40 13.97 -13.89
N GLY A 243 25.06 13.99 -13.97
CA GLY A 243 24.29 15.23 -14.15
C GLY A 243 23.98 15.95 -12.85
N ASP A 244 22.93 16.77 -12.83
CA ASP A 244 22.61 17.55 -11.61
C ASP A 244 21.33 17.20 -10.83
N LEU A 245 20.54 16.26 -11.34
CA LEU A 245 19.41 15.73 -10.56
C LEU A 245 19.23 14.24 -10.83
N ILE A 246 19.36 13.43 -9.77
CA ILE A 246 19.25 11.97 -9.88
C ILE A 246 17.92 11.50 -10.44
N LEU A 247 17.91 10.28 -10.96
CA LEU A 247 16.73 9.63 -11.54
C LEU A 247 16.08 10.45 -12.65
N ARG A 248 16.86 10.72 -13.69
CA ARG A 248 16.35 11.44 -14.84
C ARG A 248 15.33 10.58 -15.56
N GLY A 249 14.18 11.16 -15.86
CA GLY A 249 13.07 10.45 -16.46
C GLY A 249 11.85 10.45 -15.55
N PHE A 250 12.11 10.66 -14.26
CA PHE A 250 11.04 10.70 -13.26
C PHE A 250 10.57 12.13 -13.00
N ASP A 251 9.39 12.23 -12.38
CA ASP A 251 8.83 13.51 -11.96
C ASP A 251 9.87 14.33 -11.21
N THR A 252 10.21 15.49 -11.77
CA THR A 252 11.31 16.33 -11.27
C THR A 252 11.10 16.80 -9.83
N GLU A 253 9.84 16.94 -9.42
CA GLU A 253 9.50 17.37 -8.07
C GLU A 253 9.65 16.21 -7.09
N VAL A 254 9.48 14.99 -7.59
CA VAL A 254 9.71 13.78 -6.82
C VAL A 254 11.22 13.55 -6.64
N ARG A 255 11.97 13.71 -7.74
CA ARG A 255 13.43 13.55 -7.73
C ARG A 255 14.11 14.46 -6.71
N LYS A 256 13.70 15.73 -6.69
CA LYS A 256 14.23 16.71 -5.75
C LYS A 256 13.92 16.34 -4.31
N SER A 257 12.69 15.91 -4.05
CA SER A 257 12.24 15.54 -2.70
C SER A 257 12.93 14.28 -2.19
N LEU A 258 13.20 13.34 -3.10
CA LEU A 258 13.89 12.10 -2.77
C LEU A 258 15.34 12.41 -2.42
N THR A 259 16.00 13.25 -3.22
CA THR A 259 17.37 13.67 -2.96
C THR A 259 17.53 14.23 -1.55
N LYS A 260 16.55 15.01 -1.11
CA LYS A 260 16.55 15.59 0.23
C LYS A 260 16.45 14.49 1.30
N GLN A 261 15.53 13.55 1.08
CA GLN A 261 15.21 12.53 2.07
C GLN A 261 16.30 11.46 2.18
N LEU A 262 16.98 11.21 1.07
CA LEU A 262 18.17 10.36 1.08
C LEU A 262 19.25 11.01 1.95
N GLY A 263 19.41 12.32 1.80
CA GLY A 263 20.30 13.12 2.61
C GLY A 263 19.96 13.03 4.08
N ALA A 264 18.70 13.34 4.40
CA ALA A 264 18.20 13.31 5.77
C ALA A 264 18.35 11.93 6.41
N ASN A 265 18.41 10.89 5.58
CA ASN A 265 18.57 9.51 6.03
C ASN A 265 20.05 9.12 6.17
N GLY A 266 20.94 9.97 5.67
CA GLY A 266 22.37 9.78 5.86
C GLY A 266 23.18 9.54 4.61
N ILE A 267 22.53 9.56 3.46
CA ILE A 267 23.22 9.33 2.18
C ILE A 267 23.65 10.67 1.60
N ARG A 268 24.95 10.80 1.36
CA ARG A 268 25.53 12.03 0.84
C ARG A 268 25.46 12.04 -0.70
N VAL A 269 24.39 12.63 -1.23
CA VAL A 269 24.21 12.76 -2.69
C VAL A 269 25.18 13.80 -3.24
N ARG A 270 25.79 13.49 -4.38
CA ARG A 270 26.82 14.36 -4.96
C ARG A 270 26.67 14.50 -6.48
N THR A 271 25.96 15.53 -6.90
CA THR A 271 25.68 15.74 -8.32
C THR A 271 26.85 16.37 -9.07
N ASN A 272 26.74 16.39 -10.40
CA ASN A 272 27.77 16.87 -11.33
C ASN A 272 29.19 16.37 -11.03
N LEU A 273 29.29 15.09 -10.68
CA LEU A 273 30.55 14.49 -10.29
C LEU A 273 30.67 13.09 -10.92
N ASN A 274 31.90 12.72 -11.27
CA ASN A 274 32.17 11.48 -11.98
C ASN A 274 33.62 11.02 -11.75
N PRO A 275 33.82 9.77 -11.28
CA PRO A 275 35.19 9.26 -11.14
C PRO A 275 35.95 9.23 -12.47
N THR A 276 37.28 9.30 -12.39
CA THR A 276 38.14 9.36 -13.58
C THR A 276 39.27 8.32 -13.57
N LYS A 277 39.64 7.86 -12.36
CA LYS A 277 40.71 6.86 -12.21
C LYS A 277 40.62 6.21 -10.84
N ILE A 278 40.86 4.90 -10.79
CA ILE A 278 40.75 4.14 -9.55
C ILE A 278 41.95 3.22 -9.37
N THR A 279 42.58 3.30 -8.19
CA THR A 279 43.75 2.48 -7.88
C THR A 279 43.55 1.78 -6.54
N LYS A 280 44.27 0.68 -6.33
CA LYS A 280 44.09 -0.14 -5.12
C LYS A 280 45.16 0.13 -4.05
N ASN A 281 44.72 0.58 -2.88
CA ASN A 281 45.59 0.76 -1.73
C ASN A 281 46.03 -0.60 -1.17
N GLU A 282 47.22 -0.63 -0.59
CA GLU A 282 47.80 -1.88 -0.07
C GLU A 282 47.25 -2.26 1.31
N ASP A 283 45.92 -2.25 1.40
CA ASP A 283 45.18 -2.78 2.55
C ASP A 283 43.83 -3.32 2.05
N GLY A 284 43.66 -3.29 0.72
CA GLY A 284 42.45 -3.77 0.07
C GLY A 284 41.65 -2.66 -0.57
N SER A 285 41.49 -1.56 0.17
CA SER A 285 40.66 -0.41 -0.22
C SER A 285 41.01 0.22 -1.56
N ASN A 286 40.14 1.09 -2.05
CA ASN A 286 40.35 1.72 -3.35
C ASN A 286 40.42 3.24 -3.27
N HIS A 287 41.38 3.80 -4.02
CA HIS A 287 41.54 5.24 -4.11
C HIS A 287 40.83 5.73 -5.38
N VAL A 288 39.94 6.71 -5.22
CA VAL A 288 39.16 7.25 -6.34
C VAL A 288 39.53 8.68 -6.69
N HIS A 289 39.91 8.90 -7.95
CA HIS A 289 40.13 10.23 -8.50
C HIS A 289 38.84 10.67 -9.17
N PHE A 290 38.42 11.90 -8.87
CA PHE A 290 37.12 12.42 -9.31
C PHE A 290 37.17 13.42 -10.46
N ASN A 291 36.00 13.91 -10.82
CA ASN A 291 35.83 14.92 -11.87
C ASN A 291 36.41 16.26 -11.44
N ASP A 292 36.01 16.72 -10.25
CA ASP A 292 36.50 17.96 -9.68
C ASP A 292 37.94 17.84 -9.14
N GLY A 293 38.62 16.76 -9.52
CA GLY A 293 40.02 16.55 -9.17
C GLY A 293 40.29 16.13 -7.73
N THR A 294 39.24 15.90 -6.94
CA THR A 294 39.40 15.47 -5.55
C THR A 294 39.73 13.98 -5.45
N GLU A 295 40.09 13.53 -4.24
CA GLU A 295 40.48 12.15 -3.99
C GLU A 295 39.94 11.66 -2.66
N GLU A 296 39.27 10.50 -2.67
CA GLU A 296 38.79 9.89 -1.43
C GLU A 296 38.92 8.37 -1.42
N ASP A 297 38.80 7.79 -0.23
CA ASP A 297 38.99 6.35 -0.05
C ASP A 297 37.71 5.61 0.36
N TYR A 298 37.26 4.73 -0.54
CA TYR A 298 36.09 3.88 -0.29
C TYR A 298 36.51 2.42 -0.24
N ASP A 299 35.85 1.65 0.62
CA ASP A 299 36.06 0.21 0.73
C ASP A 299 35.57 -0.51 -0.52
N GLN A 300 34.44 -0.07 -1.06
CA GLN A 300 33.99 -0.55 -2.36
C GLN A 300 33.29 0.53 -3.17
N VAL A 301 33.30 0.33 -4.49
CA VAL A 301 32.70 1.28 -5.42
C VAL A 301 31.88 0.52 -6.45
N MET A 302 30.57 0.78 -6.47
CA MET A 302 29.61 0.07 -7.32
C MET A 302 29.22 0.91 -8.52
N LEU A 303 29.29 0.31 -9.71
CA LEU A 303 28.98 1.02 -10.95
C LEU A 303 27.57 0.71 -11.43
N ALA A 304 26.63 1.61 -11.12
CA ALA A 304 25.26 1.49 -11.62
C ALA A 304 25.09 2.35 -12.89
N ILE A 305 25.96 2.11 -13.86
CA ILE A 305 26.03 2.91 -15.08
C ILE A 305 24.89 2.63 -16.05
N GLY A 306 24.56 1.36 -16.26
CA GLY A 306 23.49 0.97 -17.18
C GLY A 306 23.46 -0.52 -17.46
N ARG A 307 22.49 -0.94 -18.26
CA ARG A 307 22.38 -2.34 -18.66
C ARG A 307 22.20 -2.51 -20.17
N VAL A 308 23.28 -2.95 -20.81
CA VAL A 308 23.29 -3.25 -22.24
C VAL A 308 22.72 -4.67 -22.47
N PRO A 309 21.87 -4.84 -23.51
CA PRO A 309 21.31 -6.15 -23.85
C PRO A 309 22.40 -7.20 -24.03
N ARG A 310 22.13 -8.41 -23.53
CA ARG A 310 23.12 -9.49 -23.55
C ARG A 310 22.96 -10.36 -24.81
N SER A 311 23.57 -9.92 -25.92
CA SER A 311 23.44 -10.62 -27.20
C SER A 311 24.76 -10.69 -27.97
N GLN A 312 25.84 -10.21 -27.36
CA GLN A 312 27.14 -10.14 -28.01
C GLN A 312 27.67 -11.55 -28.36
N ALA A 313 27.22 -12.53 -27.59
CA ALA A 313 27.70 -13.91 -27.70
C ALA A 313 26.86 -14.82 -28.61
N LEU A 314 25.59 -14.50 -28.77
CA LEU A 314 24.62 -15.39 -29.40
C LEU A 314 24.78 -15.60 -30.90
N GLN A 315 25.85 -15.04 -31.48
CA GLN A 315 26.13 -15.15 -32.91
C GLN A 315 24.90 -14.89 -33.78
N LEU A 316 24.25 -13.74 -33.57
CA LEU A 316 23.04 -13.39 -34.33
C LEU A 316 23.36 -13.16 -35.80
N ASP A 317 24.58 -12.67 -36.06
CA ASP A 317 25.13 -12.52 -37.41
C ASP A 317 24.98 -13.80 -38.23
N LYS A 318 25.40 -14.93 -37.65
CA LYS A 318 25.29 -16.25 -38.28
C LYS A 318 23.87 -16.57 -38.75
N ALA A 319 22.89 -16.41 -37.87
CA ALA A 319 21.50 -16.71 -38.20
C ALA A 319 20.79 -15.55 -38.90
N GLY A 320 21.48 -14.42 -39.00
CA GLY A 320 20.94 -13.23 -39.65
C GLY A 320 19.80 -12.59 -38.88
N VAL A 321 20.05 -12.26 -37.62
CA VAL A 321 19.08 -11.57 -36.77
C VAL A 321 19.53 -10.12 -36.57
N ARG A 322 18.66 -9.17 -36.97
CA ARG A 322 19.03 -7.75 -36.96
C ARG A 322 19.15 -7.16 -35.55
N THR A 323 20.36 -6.69 -35.23
CA THR A 323 20.65 -6.06 -33.95
C THR A 323 20.93 -4.56 -34.13
N GLY A 324 20.06 -3.74 -33.57
CA GLY A 324 20.15 -2.29 -33.70
C GLY A 324 21.07 -1.63 -32.69
N LYS A 325 20.52 -0.69 -31.93
CA LYS A 325 21.32 0.17 -31.05
C LYS A 325 21.76 -0.52 -29.75
N ASN A 326 23.07 -0.70 -29.64
CA ASN A 326 23.74 -1.33 -28.47
C ASN A 326 23.49 -2.83 -28.30
N GLY A 327 23.35 -3.54 -29.42
CA GLY A 327 23.18 -4.99 -29.40
C GLY A 327 21.75 -5.46 -29.26
N ALA A 328 20.84 -4.54 -28.97
CA ALA A 328 19.42 -4.87 -28.80
C ALA A 328 18.86 -5.53 -30.06
N VAL A 329 18.13 -6.63 -29.86
CA VAL A 329 17.53 -7.37 -30.97
C VAL A 329 16.28 -6.64 -31.45
N GLN A 330 16.29 -6.27 -32.72
CA GLN A 330 15.19 -5.51 -33.32
C GLN A 330 13.99 -6.40 -33.64
N VAL A 331 12.84 -6.00 -33.09
CA VAL A 331 11.61 -6.76 -33.23
C VAL A 331 10.45 -5.85 -33.58
N ASP A 332 9.34 -6.44 -34.01
CA ASP A 332 8.10 -5.69 -34.18
C ASP A 332 7.28 -5.73 -32.90
N ALA A 333 6.00 -5.38 -33.01
CA ALA A 333 5.09 -5.32 -31.86
C ALA A 333 4.74 -6.69 -31.28
N TYR A 334 5.08 -7.74 -32.02
CA TYR A 334 4.77 -9.11 -31.60
C TYR A 334 6.04 -9.90 -31.24
N SER A 335 7.17 -9.19 -31.24
CA SER A 335 8.50 -9.73 -30.87
C SER A 335 9.20 -10.51 -31.99
N LYS A 336 8.62 -10.53 -33.19
CA LYS A 336 9.19 -11.22 -34.34
C LYS A 336 10.40 -10.46 -34.88
N THR A 337 11.49 -11.19 -35.15
CA THR A 337 12.75 -10.57 -35.61
C THR A 337 12.82 -10.50 -37.14
N SER A 338 14.03 -10.29 -37.65
CA SER A 338 14.29 -10.29 -39.09
C SER A 338 14.00 -11.64 -39.75
N VAL A 339 14.09 -12.73 -38.97
CA VAL A 339 13.71 -14.07 -39.45
C VAL A 339 12.38 -14.47 -38.80
N ASP A 340 11.49 -15.06 -39.59
CA ASP A 340 10.10 -15.33 -39.17
C ASP A 340 9.94 -16.26 -37.98
N ASN A 341 10.84 -17.23 -37.85
CA ASN A 341 10.79 -18.24 -36.81
C ASN A 341 11.54 -17.87 -35.53
N ILE A 342 12.35 -16.82 -35.60
CA ILE A 342 13.12 -16.34 -34.45
C ILE A 342 12.45 -15.14 -33.79
N TYR A 343 12.37 -15.18 -32.46
CA TYR A 343 11.76 -14.11 -31.69
C TYR A 343 12.67 -13.66 -30.54
N ALA A 344 12.36 -12.50 -29.97
CA ALA A 344 13.08 -11.99 -28.80
C ALA A 344 12.14 -11.24 -27.86
N ILE A 345 12.33 -11.46 -26.56
CA ILE A 345 11.54 -10.78 -25.52
C ILE A 345 12.42 -10.29 -24.37
N GLY A 346 11.85 -9.39 -23.56
CA GLY A 346 12.53 -8.86 -22.39
C GLY A 346 13.68 -7.92 -22.69
N ASP A 347 14.52 -7.70 -21.68
CA ASP A 347 15.62 -6.73 -21.73
C ASP A 347 16.48 -6.77 -22.99
N VAL A 348 16.57 -7.92 -23.64
CA VAL A 348 17.40 -8.06 -24.85
C VAL A 348 16.85 -7.26 -26.03
N THR A 349 15.55 -6.96 -26.01
CA THR A 349 14.94 -6.09 -27.02
C THR A 349 15.14 -4.62 -26.66
N ASN A 350 15.29 -4.36 -25.36
CA ASN A 350 15.47 -3.00 -24.82
C ASN A 350 14.28 -2.09 -25.12
N ARG A 351 13.10 -2.51 -24.67
CA ARG A 351 11.94 -1.64 -24.68
C ARG A 351 11.76 -1.10 -23.26
N VAL A 352 10.95 -1.76 -22.44
CA VAL A 352 10.81 -1.38 -21.04
C VAL A 352 11.36 -2.51 -20.15
N MET A 353 12.58 -2.33 -19.67
CA MET A 353 13.32 -3.36 -18.92
C MET A 353 12.75 -3.66 -17.52
N LEU A 354 11.63 -4.38 -17.48
CA LEU A 354 11.00 -4.77 -16.23
C LEU A 354 10.50 -6.21 -16.35
N THR A 355 10.53 -6.92 -15.22
CA THR A 355 10.09 -8.32 -15.16
C THR A 355 8.66 -8.57 -15.65
N PRO A 356 7.65 -7.80 -15.15
CA PRO A 356 6.28 -8.04 -15.59
C PRO A 356 6.04 -7.75 -17.07
N VAL A 357 6.85 -6.85 -17.64
CA VAL A 357 6.81 -6.54 -19.07
C VAL A 357 7.23 -7.76 -19.91
N ALA A 358 8.39 -8.33 -19.58
CA ALA A 358 8.89 -9.53 -20.25
C ALA A 358 7.92 -10.70 -20.12
N ILE A 359 7.36 -10.87 -18.92
CA ILE A 359 6.33 -11.89 -18.66
C ILE A 359 5.13 -11.68 -19.58
N ASN A 360 4.67 -10.43 -19.69
CA ASN A 360 3.58 -10.11 -20.59
C ASN A 360 3.96 -10.28 -22.07
N GLU A 361 5.21 -9.94 -22.39
CA GLU A 361 5.74 -10.16 -23.74
C GLU A 361 5.81 -11.64 -24.09
N GLY A 362 6.18 -12.45 -23.09
CA GLY A 362 6.27 -13.89 -23.24
C GLY A 362 4.92 -14.55 -23.44
N ALA A 363 3.98 -14.21 -22.56
CA ALA A 363 2.61 -14.72 -22.64
C ALA A 363 1.95 -14.36 -23.97
N ALA A 364 2.24 -13.17 -24.48
CA ALA A 364 1.74 -12.70 -25.77
C ALA A 364 2.32 -13.51 -26.92
N PHE A 365 3.65 -13.69 -26.90
CA PHE A 365 4.37 -14.50 -27.87
C PHE A 365 3.76 -15.88 -28.06
N VAL A 366 3.44 -16.55 -26.95
CA VAL A 366 2.82 -17.87 -26.97
C VAL A 366 1.46 -17.83 -27.65
N GLU A 367 0.62 -16.85 -27.27
CA GLU A 367 -0.68 -16.64 -27.89
C GLU A 367 -0.55 -16.34 -29.39
N THR A 368 0.52 -15.64 -29.76
CA THR A 368 0.78 -15.26 -31.15
C THR A 368 1.06 -16.48 -32.05
N VAL A 369 2.05 -17.29 -31.69
CA VAL A 369 2.46 -18.40 -32.56
C VAL A 369 1.88 -19.78 -32.21
N PHE A 370 1.67 -20.05 -30.92
CA PHE A 370 1.12 -21.34 -30.52
C PHE A 370 -0.34 -21.27 -30.05
N GLY A 371 -0.83 -20.05 -29.88
CA GLY A 371 -2.19 -19.82 -29.40
C GLY A 371 -3.19 -19.58 -30.51
N GLY A 372 -2.69 -19.19 -31.67
CA GLY A 372 -3.54 -18.93 -32.84
C GLY A 372 -3.99 -17.48 -32.92
N LYS A 373 -4.36 -16.92 -31.77
CA LYS A 373 -4.82 -15.53 -31.68
C LYS A 373 -3.70 -14.58 -31.25
N PRO A 374 -3.09 -13.86 -32.23
CA PRO A 374 -1.95 -12.99 -31.95
C PRO A 374 -2.30 -11.80 -31.05
N ARG A 375 -1.28 -11.19 -30.45
CA ARG A 375 -1.47 -10.09 -29.49
C ARG A 375 -0.14 -9.37 -29.21
N ALA A 376 -0.22 -8.05 -29.08
CA ALA A 376 0.97 -7.20 -28.84
C ALA A 376 0.96 -6.60 -27.44
N THR A 377 2.13 -6.55 -26.80
CA THR A 377 2.25 -6.01 -25.44
C THR A 377 2.12 -4.48 -25.43
N ASP A 378 1.14 -3.98 -24.67
CA ASP A 378 0.89 -2.55 -24.53
C ASP A 378 1.98 -1.89 -23.68
N HIS A 379 2.90 -1.19 -24.33
CA HIS A 379 4.08 -0.62 -23.67
C HIS A 379 3.84 0.74 -22.99
N THR A 380 2.73 1.38 -23.32
CA THR A 380 2.40 2.69 -22.74
C THR A 380 1.55 2.54 -21.49
N LYS A 381 1.70 3.48 -20.56
CA LYS A 381 0.97 3.49 -19.28
C LYS A 381 1.25 2.24 -18.43
N VAL A 382 2.53 1.86 -18.37
CA VAL A 382 2.98 0.75 -17.53
C VAL A 382 3.43 1.31 -16.18
N ALA A 383 2.77 0.88 -15.11
CA ALA A 383 3.12 1.34 -13.77
C ALA A 383 4.36 0.62 -13.26
N CYS A 384 5.32 1.37 -12.74
CA CYS A 384 6.50 0.77 -12.10
C CYS A 384 6.86 1.47 -10.80
N ALA A 385 7.90 0.97 -10.13
CA ALA A 385 8.31 1.52 -8.84
C ALA A 385 9.83 1.53 -8.64
N VAL A 386 10.30 2.43 -7.78
CA VAL A 386 11.71 2.44 -7.35
C VAL A 386 11.73 2.13 -5.87
N PHE A 387 12.52 1.15 -5.47
CA PHE A 387 12.55 0.71 -4.07
C PHE A 387 13.66 1.37 -3.27
N SER A 388 13.61 2.70 -3.25
CA SER A 388 14.45 3.53 -2.42
C SER A 388 13.81 3.64 -1.03
N ILE A 389 14.48 4.32 -0.10
CA ILE A 389 13.89 4.62 1.20
C ILE A 389 13.75 6.14 1.37
N PRO A 390 12.53 6.69 1.16
CA PRO A 390 11.27 6.00 0.84
C PRO A 390 11.11 5.65 -0.65
N PRO A 391 10.14 4.77 -0.97
CA PRO A 391 9.98 4.28 -2.33
C PRO A 391 9.18 5.18 -3.27
N ILE A 392 9.43 5.06 -4.57
CA ILE A 392 8.68 5.77 -5.62
C ILE A 392 7.69 4.85 -6.31
N GLY A 393 6.49 5.36 -6.59
CA GLY A 393 5.51 4.63 -7.38
C GLY A 393 4.92 5.56 -8.43
N THR A 394 5.29 5.32 -9.70
CA THR A 394 4.79 6.17 -10.80
C THR A 394 4.14 5.37 -11.93
N CYS A 395 3.32 6.07 -12.71
CA CYS A 395 2.70 5.53 -13.91
C CYS A 395 2.40 6.65 -14.90
N GLY A 396 2.81 6.46 -16.15
CA GLY A 396 2.47 7.41 -17.22
C GLY A 396 3.45 8.54 -17.45
N MET A 397 2.91 9.72 -17.76
CA MET A 397 3.70 10.86 -18.23
C MET A 397 4.11 11.85 -17.15
N THR A 398 5.31 12.39 -17.29
CA THR A 398 5.78 13.49 -16.45
C THR A 398 5.23 14.82 -16.98
N GLU A 399 5.47 15.90 -16.24
CA GLU A 399 5.09 17.24 -16.69
C GLU A 399 5.75 17.54 -18.04
N GLU A 400 7.08 17.59 -18.01
CA GLU A 400 7.91 17.91 -19.18
C GLU A 400 7.40 17.26 -20.46
N GLU A 401 7.19 15.95 -20.43
CA GLU A 401 6.79 15.20 -21.61
C GLU A 401 5.35 15.52 -22.06
N ALA A 402 4.41 15.49 -21.11
CA ALA A 402 3.00 15.77 -21.40
C ALA A 402 2.77 17.20 -21.91
N ALA A 403 3.61 18.12 -21.45
CA ALA A 403 3.56 19.51 -21.88
C ALA A 403 4.06 19.66 -23.32
N LYS A 404 5.09 18.89 -23.65
CA LYS A 404 5.67 18.88 -25.00
C LYS A 404 5.00 17.84 -25.90
N ASN A 405 3.76 17.50 -25.57
CA ASN A 405 2.97 16.51 -26.31
C ASN A 405 1.47 16.80 -26.34
N TYR A 406 1.01 17.65 -25.41
CA TYR A 406 -0.42 17.94 -25.29
C TYR A 406 -0.74 19.44 -25.32
N GLU A 407 -1.91 19.75 -25.86
CA GLU A 407 -2.38 21.14 -26.03
C GLU A 407 -2.36 21.92 -24.71
N THR A 408 -3.22 21.51 -23.78
CA THR A 408 -3.32 22.13 -22.47
C THR A 408 -3.33 21.05 -21.39
N VAL A 409 -2.41 21.17 -20.43
CA VAL A 409 -2.30 20.22 -19.34
C VAL A 409 -2.59 20.88 -17.99
N ALA A 410 -3.01 20.06 -17.02
CA ALA A 410 -3.24 20.51 -15.65
C ALA A 410 -2.39 19.71 -14.66
N VAL A 411 -1.65 20.42 -13.82
CA VAL A 411 -0.77 19.80 -12.83
C VAL A 411 -1.32 19.95 -11.42
N TYR A 412 -1.71 18.83 -10.82
CA TYR A 412 -2.19 18.78 -9.44
C TYR A 412 -1.07 18.30 -8.53
N ALA A 413 -0.96 18.90 -7.35
CA ALA A 413 0.08 18.51 -6.40
C ALA A 413 -0.44 18.56 -4.98
N SER A 414 0.17 17.72 -4.14
CA SER A 414 -0.18 17.64 -2.73
C SER A 414 0.96 16.97 -1.97
N SER A 415 1.38 17.61 -0.90
CA SER A 415 2.38 17.06 0.01
C SER A 415 1.84 17.09 1.42
N PHE A 416 2.21 16.10 2.22
CA PHE A 416 1.76 16.00 3.61
C PHE A 416 2.64 15.06 4.41
N THR A 417 2.74 15.33 5.70
CA THR A 417 3.42 14.44 6.64
C THR A 417 2.35 13.60 7.33
N PRO A 418 2.46 12.25 7.22
CA PRO A 418 1.55 11.35 7.93
C PRO A 418 1.63 11.59 9.43
N LEU A 419 0.46 11.66 10.08
CA LEU A 419 0.39 12.07 11.49
C LEU A 419 1.30 11.29 12.41
N MET A 420 1.52 10.02 12.10
CA MET A 420 2.40 9.15 12.88
C MET A 420 3.83 9.68 13.00
N HIS A 421 4.29 10.42 11.99
CA HIS A 421 5.67 10.91 11.95
C HIS A 421 5.95 12.09 12.88
N ASN A 422 4.88 12.65 13.45
CA ASN A 422 5.01 13.61 14.53
C ASN A 422 5.58 12.91 15.76
N ILE A 423 5.14 11.67 15.98
CA ILE A 423 5.61 10.85 17.08
C ILE A 423 6.88 10.08 16.71
N SER A 424 6.90 9.48 15.52
CA SER A 424 7.98 8.59 15.11
C SER A 424 9.34 9.29 15.04
N GLY A 425 9.33 10.61 14.97
CA GLY A 425 10.56 11.38 14.93
C GLY A 425 11.04 11.69 13.52
N SER A 426 10.74 10.80 12.58
CA SER A 426 11.13 10.98 11.18
C SER A 426 10.23 12.00 10.50
N LYS A 427 10.48 13.28 10.77
CA LYS A 427 9.64 14.37 10.27
C LYS A 427 9.97 14.76 8.83
N HIS A 428 11.08 14.21 8.31
CA HIS A 428 11.47 14.40 6.92
C HIS A 428 10.63 13.58 5.95
N LYS A 429 10.01 12.51 6.46
CA LYS A 429 9.24 11.59 5.62
C LYS A 429 7.90 12.17 5.17
N GLU A 430 7.97 12.92 4.08
CA GLU A 430 6.83 13.57 3.46
C GLU A 430 6.28 12.69 2.34
N PHE A 431 4.97 12.47 2.33
CA PHE A 431 4.34 11.73 1.25
C PHE A 431 3.90 12.70 0.17
N MET A 432 4.25 12.40 -1.07
CA MET A 432 3.97 13.30 -2.21
C MET A 432 3.16 12.59 -3.30
N ILE A 433 2.06 13.21 -3.71
CA ILE A 433 1.33 12.79 -4.90
C ILE A 433 1.25 13.93 -5.90
N ARG A 434 1.48 13.62 -7.17
CA ARG A 434 1.34 14.60 -8.24
C ARG A 434 0.61 13.97 -9.42
N ILE A 435 -0.60 14.45 -9.69
CA ILE A 435 -1.38 13.96 -10.82
C ILE A 435 -1.27 14.92 -12.00
N ILE A 436 -0.98 14.37 -13.17
CA ILE A 436 -0.81 15.13 -14.40
C ILE A 436 -1.89 14.75 -15.42
N THR A 437 -2.72 15.71 -15.78
CA THR A 437 -3.86 15.46 -16.66
C THR A 437 -3.80 16.27 -17.95
N ASN A 438 -4.61 15.88 -18.94
CA ASN A 438 -4.90 16.72 -20.08
C ASN A 438 -6.12 17.59 -19.75
N GLU A 439 -5.91 18.91 -19.78
CA GLU A 439 -6.92 19.88 -19.37
C GLU A 439 -8.19 19.86 -20.23
N SER A 440 -8.01 19.58 -21.53
CA SER A 440 -9.10 19.54 -22.50
C SER A 440 -10.22 18.58 -22.11
N ASN A 441 -9.87 17.35 -21.72
CA ASN A 441 -10.90 16.35 -21.36
C ASN A 441 -10.87 15.82 -19.92
N GLY A 442 -9.76 16.06 -19.21
CA GLY A 442 -9.61 15.65 -17.81
C GLY A 442 -8.86 14.34 -17.61
N GLU A 443 -8.47 13.70 -18.72
CA GLU A 443 -7.82 12.38 -18.68
C GLU A 443 -6.49 12.43 -17.92
N VAL A 444 -6.35 11.50 -16.97
CA VAL A 444 -5.12 11.34 -16.20
C VAL A 444 -4.01 10.73 -17.06
N LEU A 445 -2.96 11.50 -17.29
CA LEU A 445 -1.85 11.08 -18.15
C LEU A 445 -0.63 10.60 -17.35
N GLY A 446 -0.61 10.93 -16.07
CA GLY A 446 0.49 10.54 -15.19
C GLY A 446 0.18 10.71 -13.70
N VAL A 447 0.58 9.72 -12.90
CA VAL A 447 0.50 9.81 -11.44
C VAL A 447 1.87 9.49 -10.89
N HIS A 448 2.34 10.35 -9.98
CA HIS A 448 3.69 10.23 -9.42
C HIS A 448 3.68 10.32 -7.90
N MET A 449 4.17 9.28 -7.25
CA MET A 449 4.09 9.20 -5.79
C MET A 449 5.43 8.89 -5.16
N LEU A 450 5.71 9.56 -4.05
CA LEU A 450 6.89 9.29 -3.25
C LEU A 450 6.51 9.10 -1.79
N GLY A 451 6.95 7.98 -1.21
CA GLY A 451 6.68 7.66 0.20
C GLY A 451 6.29 6.21 0.41
N ASP A 452 6.25 5.80 1.67
CA ASP A 452 5.90 4.42 2.02
C ASP A 452 4.54 4.03 1.48
N SER A 453 4.48 2.81 0.93
CA SER A 453 3.29 2.21 0.30
C SER A 453 3.07 2.62 -1.16
N ALA A 454 3.87 3.55 -1.67
CA ALA A 454 3.76 4.03 -3.06
C ALA A 454 3.72 2.94 -4.13
N PRO A 455 4.65 1.95 -4.06
CA PRO A 455 4.62 0.85 -5.03
C PRO A 455 3.31 0.05 -5.00
N GLU A 456 2.74 -0.10 -3.81
CA GLU A 456 1.51 -0.86 -3.65
C GLU A 456 0.31 -0.10 -4.19
N ILE A 457 0.28 1.22 -3.95
CA ILE A 457 -0.83 2.05 -4.38
C ILE A 457 -0.84 2.20 -5.91
N ILE A 458 0.32 2.48 -6.49
CA ILE A 458 0.45 2.74 -7.92
C ILE A 458 -0.05 1.58 -8.79
N GLN A 459 -0.05 0.37 -8.25
CA GLN A 459 -0.48 -0.80 -8.99
C GLN A 459 -1.94 -0.68 -9.43
N SER A 460 -2.84 -0.52 -8.46
CA SER A 460 -4.26 -0.36 -8.73
C SER A 460 -4.55 0.97 -9.45
N VAL A 461 -3.65 1.93 -9.30
CA VAL A 461 -3.72 3.16 -10.08
C VAL A 461 -3.55 2.83 -11.57
N GLY A 462 -2.52 2.03 -11.88
CA GLY A 462 -2.21 1.64 -13.25
C GLY A 462 -3.34 0.97 -13.99
N ILE A 463 -4.29 0.41 -13.24
CA ILE A 463 -5.49 -0.18 -13.82
C ILE A 463 -6.41 0.91 -14.40
N CYS A 464 -6.62 1.96 -13.61
CA CYS A 464 -7.42 3.12 -14.00
C CYS A 464 -6.87 3.82 -15.23
N MET A 465 -5.54 4.00 -15.26
CA MET A 465 -4.85 4.63 -16.39
C MET A 465 -5.05 3.81 -17.66
N LYS A 466 -5.03 2.48 -17.49
CA LYS A 466 -5.26 1.54 -18.59
C LYS A 466 -6.73 1.59 -19.01
N MET A 467 -7.61 1.92 -18.05
CA MET A 467 -9.03 2.12 -18.32
C MET A 467 -9.34 3.55 -18.78
N GLY A 468 -8.29 4.31 -19.10
CA GLY A 468 -8.40 5.70 -19.55
C GLY A 468 -9.13 6.62 -18.59
N ALA A 469 -8.84 6.50 -17.29
CA ALA A 469 -9.53 7.26 -16.24
C ALA A 469 -9.23 8.76 -16.27
N LYS A 470 -10.19 9.54 -15.79
CA LYS A 470 -10.07 10.99 -15.73
C LYS A 470 -9.97 11.46 -14.27
N ILE A 471 -9.44 12.68 -14.07
CA ILE A 471 -9.29 13.25 -12.73
C ILE A 471 -10.62 13.34 -11.98
N SER A 472 -11.71 13.46 -12.73
CA SER A 472 -13.05 13.44 -12.16
C SER A 472 -13.42 12.09 -11.55
N ASP A 473 -12.84 11.01 -12.09
CA ASP A 473 -13.06 9.66 -11.57
C ASP A 473 -12.37 9.44 -10.22
N PHE A 474 -11.23 10.11 -10.05
CA PHE A 474 -10.45 10.06 -8.82
C PHE A 474 -11.22 10.71 -7.67
N HIS A 475 -11.45 12.02 -7.79
CA HIS A 475 -12.01 12.81 -6.68
C HIS A 475 -13.52 12.64 -6.46
N SER A 476 -14.14 11.70 -7.16
CA SER A 476 -15.55 11.36 -6.91
C SER A 476 -15.68 10.06 -6.11
N THR A 477 -14.56 9.35 -5.96
CA THR A 477 -14.49 8.13 -5.19
C THR A 477 -14.32 8.49 -3.72
N ILE A 478 -15.16 7.92 -2.86
CA ILE A 478 -15.08 8.13 -1.42
C ILE A 478 -13.78 7.55 -0.88
N GLY A 479 -13.11 8.30 0.00
CA GLY A 479 -11.81 7.91 0.52
C GLY A 479 -11.83 6.83 1.58
N VAL A 480 -10.65 6.26 1.84
CA VAL A 480 -10.45 5.25 2.89
C VAL A 480 -9.56 5.88 3.96
N HIS A 481 -10.15 6.19 5.11
CA HIS A 481 -9.50 6.99 6.15
C HIS A 481 -9.12 6.14 7.38
N PRO A 482 -7.87 6.31 7.89
CA PRO A 482 -6.79 7.14 7.37
C PRO A 482 -5.73 6.36 6.57
N THR A 483 -5.48 6.79 5.33
CA THR A 483 -4.41 6.24 4.51
C THR A 483 -3.64 7.36 3.81
N SER A 484 -2.48 7.03 3.27
CA SER A 484 -1.76 7.93 2.39
C SER A 484 -2.46 7.97 1.02
N ALA A 485 -3.06 6.85 0.64
CA ALA A 485 -3.70 6.71 -0.66
C ALA A 485 -4.99 7.52 -0.82
N GLU A 486 -5.71 7.75 0.26
CA GLU A 486 -6.99 8.50 0.22
C GLU A 486 -6.80 9.92 -0.32
N GLU A 487 -5.56 10.39 -0.32
CA GLU A 487 -5.22 11.74 -0.76
C GLU A 487 -5.33 11.90 -2.28
N LEU A 488 -5.32 10.77 -3.00
CA LEU A 488 -5.54 10.76 -4.45
C LEU A 488 -6.92 11.29 -4.84
N CYS A 489 -7.87 11.17 -3.91
CA CYS A 489 -9.25 11.56 -4.17
C CYS A 489 -9.60 12.94 -3.61
N SER A 490 -8.59 13.66 -3.11
CA SER A 490 -8.82 14.97 -2.53
C SER A 490 -8.27 16.11 -3.39
N MET A 491 -7.45 15.76 -4.38
CA MET A 491 -6.90 16.77 -5.29
C MET A 491 -7.93 17.22 -6.32
N ARG A 492 -8.48 18.41 -6.09
CA ARG A 492 -9.55 18.98 -6.91
C ARG A 492 -9.05 20.08 -7.84
N THR A 493 -8.34 21.05 -7.28
CA THR A 493 -7.87 22.20 -8.05
C THR A 493 -6.40 22.08 -8.42
N PRO A 494 -6.08 22.26 -9.72
CA PRO A 494 -4.69 22.18 -10.21
C PRO A 494 -3.80 23.23 -9.58
N ALA A 495 -2.59 22.83 -9.22
CA ALA A 495 -1.59 23.76 -8.70
C ALA A 495 -1.17 24.78 -9.76
N TYR A 496 -1.13 24.34 -11.01
CA TYR A 496 -0.86 25.21 -12.17
C TYR A 496 -1.07 24.46 -13.49
N PHE A 497 -0.68 25.08 -14.60
CA PHE A 497 -0.95 24.55 -15.95
C PHE A 497 0.26 24.61 -16.88
N TYR A 498 0.15 23.92 -18.01
CA TYR A 498 1.02 24.11 -19.16
C TYR A 498 0.15 24.35 -20.40
N GLU A 499 0.35 25.51 -21.03
CA GLU A 499 -0.42 25.88 -22.22
C GLU A 499 0.50 25.85 -23.45
N SER A 500 0.46 24.73 -24.16
CA SER A 500 1.34 24.48 -25.32
C SER A 500 2.82 24.75 -25.02
N GLY A 501 3.37 24.01 -24.05
CA GLY A 501 4.79 24.09 -23.73
C GLY A 501 5.19 25.13 -22.69
N LYS A 502 4.35 26.15 -22.51
CA LYS A 502 4.63 27.26 -21.58
C LYS A 502 4.07 26.99 -20.18
N ARG A 503 4.89 27.22 -19.16
CA ARG A 503 4.48 27.06 -17.77
C ARG A 503 3.60 28.25 -17.35
N VAL A 504 2.29 28.12 -17.55
CA VAL A 504 1.35 29.20 -17.27
C VAL A 504 0.66 29.00 -15.91
N GLU A 505 0.53 30.09 -15.16
CA GLU A 505 -0.11 30.08 -13.85
C GLU A 505 -1.62 29.89 -13.96
N LYS A 506 -2.21 30.38 -15.05
CA LYS A 506 -3.61 30.15 -15.42
C LYS A 506 -3.89 30.45 -16.90
N SER B 22 -32.76 38.78 7.53
CA SER B 22 -33.77 37.97 8.29
C SER B 22 -33.21 37.38 9.60
N ARG B 23 -32.42 36.31 9.48
CA ARG B 23 -31.94 35.55 10.65
C ARG B 23 -30.48 35.85 10.98
N ALA B 24 -30.11 35.63 12.24
CA ALA B 24 -28.74 35.80 12.72
C ALA B 24 -27.72 34.97 11.92
N TYR B 25 -28.00 33.68 11.77
CA TYR B 25 -27.13 32.76 11.02
C TYR B 25 -27.87 32.09 9.85
N ASP B 26 -27.11 31.66 8.84
CA ASP B 26 -27.65 30.86 7.75
C ASP B 26 -27.73 29.39 8.16
N LEU B 27 -26.74 28.95 8.93
CA LEU B 27 -26.59 27.54 9.26
C LEU B 27 -26.09 27.37 10.68
N VAL B 28 -26.85 26.63 11.49
CA VAL B 28 -26.33 26.12 12.74
C VAL B 28 -26.09 24.62 12.59
N VAL B 29 -24.82 24.23 12.75
CA VAL B 29 -24.41 22.84 12.69
C VAL B 29 -24.19 22.30 14.10
N LEU B 30 -24.97 21.28 14.46
CA LEU B 30 -24.80 20.63 15.76
C LEU B 30 -23.76 19.53 15.63
N GLY B 31 -22.65 19.69 16.32
CA GLY B 31 -21.54 18.76 16.22
C GLY B 31 -20.47 19.25 15.28
N ALA B 32 -19.28 19.49 15.82
CA ALA B 32 -18.12 19.92 15.05
C ALA B 32 -17.28 18.72 14.64
N GLY B 33 -17.92 17.74 14.01
CA GLY B 33 -17.26 16.51 13.62
C GLY B 33 -16.85 16.47 12.17
N SER B 34 -16.52 15.28 11.68
CA SER B 34 -16.13 15.08 10.29
C SER B 34 -17.16 15.62 9.32
N GLY B 35 -18.43 15.44 9.65
CA GLY B 35 -19.53 15.99 8.87
C GLY B 35 -19.77 17.47 9.15
N GLY B 36 -19.83 17.82 10.43
CA GLY B 36 -20.04 19.19 10.85
C GLY B 36 -19.05 20.19 10.29
N LEU B 37 -17.77 19.94 10.52
CA LEU B 37 -16.71 20.85 10.08
C LEU B 37 -16.57 20.93 8.56
N GLU B 38 -16.97 19.88 7.87
CA GLU B 38 -16.96 19.89 6.41
C GLU B 38 -18.03 20.83 5.89
N ALA B 39 -19.25 20.66 6.39
CA ALA B 39 -20.37 21.48 5.97
C ALA B 39 -20.16 22.92 6.40
N GLY B 40 -19.85 23.11 7.69
CA GLY B 40 -19.59 24.43 8.25
C GLY B 40 -18.59 25.24 7.45
N TRP B 41 -17.39 24.68 7.26
CA TRP B 41 -16.33 25.34 6.51
C TRP B 41 -16.75 25.70 5.10
N ASN B 42 -17.40 24.76 4.40
CA ASN B 42 -17.79 24.98 3.01
C ASN B 42 -18.79 26.11 2.84
N ALA B 43 -19.87 26.05 3.60
CA ALA B 43 -20.88 27.11 3.59
C ALA B 43 -20.28 28.48 3.87
N ALA B 44 -19.37 28.52 4.85
CA ALA B 44 -18.74 29.77 5.29
C ALA B 44 -17.71 30.33 4.32
N VAL B 45 -16.90 29.46 3.73
CA VAL B 45 -15.77 29.90 2.92
C VAL B 45 -16.10 29.96 1.43
N THR B 46 -16.52 28.83 0.85
CA THR B 46 -16.82 28.78 -0.59
C THR B 46 -18.11 29.51 -0.95
N HIS B 47 -18.97 29.77 0.03
CA HIS B 47 -20.26 30.44 -0.21
C HIS B 47 -20.52 31.67 0.65
N LYS B 48 -19.61 31.96 1.58
CA LYS B 48 -19.72 33.13 2.46
C LYS B 48 -21.08 33.20 3.14
N LYS B 49 -21.36 32.23 4.01
CA LYS B 49 -22.58 32.24 4.81
C LYS B 49 -22.21 32.34 6.28
N LYS B 50 -23.14 32.85 7.09
CA LYS B 50 -22.95 32.94 8.53
C LYS B 50 -23.24 31.57 9.14
N VAL B 51 -22.20 30.94 9.67
CA VAL B 51 -22.28 29.57 10.17
C VAL B 51 -21.87 29.51 11.63
N ALA B 52 -22.79 29.03 12.47
CA ALA B 52 -22.49 28.76 13.87
C ALA B 52 -22.37 27.27 14.06
N VAL B 53 -21.27 26.84 14.69
CA VAL B 53 -21.02 25.42 14.90
C VAL B 53 -20.99 25.12 16.39
N VAL B 54 -21.91 24.26 16.84
CA VAL B 54 -22.02 23.91 18.25
C VAL B 54 -21.30 22.60 18.53
N ASP B 55 -20.51 22.57 19.60
CA ASP B 55 -19.93 21.32 20.10
C ASP B 55 -19.68 21.40 21.62
N VAL B 56 -19.25 20.29 22.20
CA VAL B 56 -19.17 20.13 23.64
C VAL B 56 -17.94 20.80 24.28
N GLN B 57 -16.80 20.69 23.60
CA GLN B 57 -15.53 21.24 24.10
C GLN B 57 -14.53 21.48 22.97
N ALA B 58 -13.41 22.10 23.28
CA ALA B 58 -12.39 22.42 22.26
C ALA B 58 -11.29 21.36 22.16
N THR B 59 -10.86 20.84 23.30
CA THR B 59 -9.77 19.84 23.34
C THR B 59 -10.26 18.47 23.85
N HIS B 60 -9.64 17.41 23.33
CA HIS B 60 -9.94 16.03 23.72
C HIS B 60 -9.78 15.87 25.23
N GLY B 61 -10.66 15.08 25.86
CA GLY B 61 -10.61 14.94 27.31
C GLY B 61 -11.68 14.07 27.94
N PRO B 62 -11.27 13.17 28.85
CA PRO B 62 -12.08 12.14 29.51
C PRO B 62 -13.48 12.53 29.99
N PRO B 63 -13.64 13.70 30.66
CA PRO B 63 -15.00 13.97 31.13
C PRO B 63 -16.10 13.82 30.07
N LEU B 64 -15.84 14.28 28.84
CA LEU B 64 -16.84 14.32 27.76
C LEU B 64 -16.36 13.68 26.46
N PHE B 65 -15.06 13.40 26.40
CA PHE B 65 -14.39 12.66 25.31
C PHE B 65 -14.31 13.40 23.97
N ALA B 66 -15.41 13.44 23.23
CA ALA B 66 -15.43 14.07 21.92
C ALA B 66 -15.24 15.58 22.05
N ALA B 67 -14.71 16.20 20.99
CA ALA B 67 -14.41 17.62 20.99
C ALA B 67 -14.45 18.19 19.58
N LEU B 68 -13.71 19.28 19.36
CA LEU B 68 -13.54 19.91 18.06
C LEU B 68 -12.84 18.93 17.12
N GLY B 69 -13.50 18.58 16.03
CA GLY B 69 -12.99 17.56 15.11
C GLY B 69 -13.78 16.27 15.17
N GLY B 70 -14.59 16.13 16.20
CA GLY B 70 -15.46 14.97 16.36
C GLY B 70 -14.77 13.73 16.90
N THR B 71 -15.44 12.58 16.74
CA THR B 71 -14.91 11.31 17.19
C THR B 71 -13.64 10.96 16.42
N CYS B 72 -13.71 11.08 15.10
CA CYS B 72 -12.57 10.80 14.23
C CYS B 72 -11.26 11.37 14.77
N VAL B 73 -11.27 12.65 15.14
CA VAL B 73 -10.07 13.36 15.58
C VAL B 73 -9.71 13.03 17.03
N ASN B 74 -10.71 13.00 17.90
CA ASN B 74 -10.49 12.95 19.34
C ASN B 74 -10.42 11.55 19.98
N VAL B 75 -11.51 10.78 19.84
CA VAL B 75 -11.62 9.45 20.47
C VAL B 75 -11.97 8.38 19.45
N GLY B 76 -11.51 8.56 18.22
CA GLY B 76 -11.79 7.61 17.16
C GLY B 76 -10.58 7.34 16.30
N CYS B 77 -10.78 7.40 14.98
CA CYS B 77 -9.80 6.98 14.00
C CYS B 77 -8.36 7.47 14.20
N VAL B 78 -8.20 8.78 14.40
CA VAL B 78 -6.86 9.39 14.42
C VAL B 78 -5.95 8.82 15.53
N PRO B 79 -6.39 8.89 16.80
CA PRO B 79 -5.57 8.27 17.86
C PRO B 79 -5.49 6.75 17.73
N LYS B 80 -6.57 6.12 17.25
CA LYS B 80 -6.61 4.68 17.00
C LYS B 80 -5.45 4.28 16.11
N LYS B 81 -5.39 4.89 14.92
CA LYS B 81 -4.35 4.60 13.94
C LYS B 81 -2.94 4.79 14.48
N LEU B 82 -2.77 5.75 15.37
CA LEU B 82 -1.49 5.99 16.04
C LEU B 82 -1.08 4.81 16.91
N MET B 83 -2.02 4.33 17.71
CA MET B 83 -1.76 3.25 18.65
C MET B 83 -1.58 1.91 17.94
N VAL B 84 -2.29 1.72 16.84
CA VAL B 84 -2.09 0.56 15.98
C VAL B 84 -0.67 0.55 15.43
N THR B 85 -0.20 1.71 14.97
CA THR B 85 1.16 1.86 14.45
C THR B 85 2.18 1.52 15.53
N GLY B 86 1.88 1.95 16.76
CA GLY B 86 2.74 1.68 17.90
C GLY B 86 2.83 0.19 18.22
N ALA B 87 1.67 -0.47 18.24
CA ALA B 87 1.60 -1.91 18.47
C ALA B 87 2.34 -2.71 17.40
N GLN B 88 2.16 -2.31 16.14
CA GLN B 88 2.78 -3.00 15.00
C GLN B 88 4.29 -3.17 15.10
N TYR B 89 4.93 -2.36 15.96
CA TYR B 89 6.37 -2.45 16.16
C TYR B 89 6.78 -3.73 16.87
N MET B 90 5.86 -4.32 17.64
CA MET B 90 6.14 -5.57 18.33
C MET B 90 6.51 -6.63 17.30
N ASP B 91 5.65 -6.76 16.30
CA ASP B 91 5.90 -7.64 15.16
C ASP B 91 7.18 -7.26 14.41
N LEU B 92 7.36 -5.97 14.15
CA LEU B 92 8.49 -5.46 13.37
C LEU B 92 9.86 -5.61 14.04
N ILE B 93 9.88 -5.55 15.37
CA ILE B 93 11.12 -5.70 16.12
C ILE B 93 11.50 -7.18 16.20
N ARG B 94 10.49 -8.02 16.43
CA ARG B 94 10.65 -9.46 16.40
C ARG B 94 11.22 -9.90 15.04
N GLU B 95 10.61 -9.39 13.97
CA GLU B 95 10.94 -9.77 12.60
C GLU B 95 12.34 -9.37 12.14
N SER B 96 12.86 -8.26 12.67
CA SER B 96 14.13 -7.70 12.23
C SER B 96 15.31 -8.63 12.50
N GLY B 97 15.15 -9.47 13.52
CA GLY B 97 16.17 -10.46 13.90
C GLY B 97 16.65 -11.30 12.74
N GLY B 98 15.71 -11.90 12.01
CA GLY B 98 16.01 -12.71 10.84
C GLY B 98 16.87 -11.99 9.81
N PHE B 99 16.73 -10.66 9.75
CA PHE B 99 17.47 -9.85 8.78
C PHE B 99 18.85 -9.40 9.27
N GLY B 100 19.18 -9.70 10.53
CA GLY B 100 20.50 -9.42 11.07
C GLY B 100 20.49 -8.41 12.20
N TRP B 101 19.31 -7.92 12.54
CA TRP B 101 19.19 -6.90 13.57
C TRP B 101 19.19 -7.52 14.97
N GLU B 102 20.37 -7.59 15.56
CA GLU B 102 20.56 -8.20 16.89
C GLU B 102 20.46 -7.16 18.01
N MET B 103 19.61 -7.46 18.99
CA MET B 103 19.43 -6.60 20.17
C MET B 103 18.70 -7.37 21.28
N ASP B 104 18.77 -6.86 22.51
CA ASP B 104 18.16 -7.50 23.68
C ASP B 104 16.63 -7.55 23.57
N ARG B 105 16.12 -8.72 23.15
CA ARG B 105 14.69 -8.91 22.87
C ARG B 105 13.88 -9.59 23.98
N GLU B 106 14.53 -10.46 24.74
CA GLU B 106 13.82 -11.20 25.79
C GLU B 106 13.42 -10.29 26.96
N SER B 107 12.18 -10.47 27.42
CA SER B 107 11.59 -9.71 28.54
C SER B 107 11.35 -8.21 28.21
N LEU B 108 11.17 -7.90 26.93
CA LEU B 108 11.03 -6.52 26.44
C LEU B 108 9.58 -6.16 26.11
N CYS B 109 9.03 -5.23 26.87
CA CYS B 109 7.67 -4.72 26.65
C CYS B 109 7.71 -3.19 26.47
N PRO B 110 6.71 -2.63 25.75
CA PRO B 110 6.73 -1.20 25.45
C PRO B 110 6.23 -0.32 26.59
N ASN B 111 6.52 0.98 26.51
CA ASN B 111 5.99 1.96 27.46
C ASN B 111 4.67 2.54 26.97
N TRP B 112 3.60 2.20 27.67
CA TRP B 112 2.25 2.65 27.33
C TRP B 112 2.10 4.14 27.58
N LYS B 113 2.62 4.58 28.73
CA LYS B 113 2.46 5.96 29.20
C LYS B 113 3.01 6.95 28.18
N THR B 114 4.19 6.67 27.63
CA THR B 114 4.80 7.55 26.63
C THR B 114 4.05 7.54 25.31
N LEU B 115 3.36 6.43 25.01
CA LEU B 115 2.49 6.38 23.82
C LEU B 115 1.30 7.31 23.99
N ILE B 116 0.58 7.15 25.11
CA ILE B 116 -0.58 8.00 25.40
C ILE B 116 -0.17 9.47 25.49
N ALA B 117 1.02 9.73 26.03
CA ALA B 117 1.59 11.07 26.06
C ALA B 117 1.72 11.62 24.64
N ALA B 118 2.50 10.92 23.81
CA ALA B 118 2.71 11.30 22.42
C ALA B 118 1.40 11.39 21.64
N LYS B 119 0.46 10.51 21.96
CA LYS B 119 -0.87 10.51 21.33
C LYS B 119 -1.60 11.80 21.66
N ASN B 120 -1.61 12.18 22.94
CA ASN B 120 -2.26 13.40 23.40
C ASN B 120 -1.71 14.64 22.73
N LYS B 121 -0.37 14.69 22.59
CA LYS B 121 0.30 15.80 21.92
C LYS B 121 -0.25 16.01 20.50
N VAL B 122 -0.33 14.92 19.74
CA VAL B 122 -0.80 14.99 18.35
C VAL B 122 -2.25 15.43 18.25
N VAL B 123 -3.13 14.83 19.06
CA VAL B 123 -4.56 15.17 19.04
C VAL B 123 -4.77 16.63 19.45
N ASN B 124 -4.13 17.03 20.55
CA ASN B 124 -4.24 18.39 21.06
C ASN B 124 -3.83 19.42 20.03
N SER B 125 -2.74 19.13 19.33
CA SER B 125 -2.24 19.95 18.24
C SER B 125 -3.30 20.18 17.15
N ILE B 126 -4.09 19.15 16.87
CA ILE B 126 -5.16 19.24 15.87
C ILE B 126 -6.35 20.02 16.45
N ASN B 127 -6.66 19.77 17.72
CA ASN B 127 -7.67 20.58 18.43
C ASN B 127 -7.37 22.06 18.31
N GLU B 128 -6.09 22.39 18.48
CA GLU B 128 -5.62 23.77 18.44
C GLU B 128 -5.74 24.38 17.06
N SER B 129 -5.38 23.62 16.03
CA SER B 129 -5.47 24.11 14.65
C SER B 129 -6.92 24.35 14.22
N TYR B 130 -7.86 23.70 14.91
CA TYR B 130 -9.28 23.96 14.69
C TYR B 130 -9.77 25.20 15.45
N LYS B 131 -9.15 25.50 16.59
CA LYS B 131 -9.46 26.72 17.34
C LYS B 131 -9.12 27.95 16.51
N SER B 132 -7.90 27.98 15.98
CA SER B 132 -7.43 29.12 15.20
C SER B 132 -8.12 29.20 13.84
N MET B 133 -8.59 28.07 13.33
CA MET B 133 -9.38 28.05 12.10
C MET B 133 -10.62 28.93 12.25
N PHE B 134 -11.34 28.75 13.36
CA PHE B 134 -12.54 29.53 13.64
C PHE B 134 -12.24 31.01 13.83
N ALA B 135 -11.13 31.29 14.51
CA ALA B 135 -10.67 32.67 14.71
C ALA B 135 -10.28 33.35 13.39
N ASP B 136 -9.71 32.59 12.45
CA ASP B 136 -9.26 33.14 11.17
C ASP B 136 -10.32 33.16 10.08
N THR B 137 -11.37 32.36 10.24
CA THR B 137 -12.42 32.29 9.24
C THR B 137 -13.62 33.15 9.63
N GLU B 138 -13.96 34.09 8.75
CA GLU B 138 -15.11 34.97 8.95
C GLU B 138 -16.35 34.29 8.40
N GLY B 139 -17.42 34.33 9.18
CA GLY B 139 -18.62 33.55 8.89
C GLY B 139 -18.73 32.38 9.83
N LEU B 140 -17.60 31.71 10.10
CA LEU B 140 -17.53 30.60 11.04
C LEU B 140 -17.33 31.07 12.45
N SER B 141 -18.07 30.45 13.38
CA SER B 141 -17.91 30.70 14.80
C SER B 141 -18.23 29.43 15.58
N PHE B 142 -17.45 29.18 16.62
CA PHE B 142 -17.64 28.00 17.45
C PHE B 142 -18.38 28.36 18.72
N HIS B 143 -19.39 27.56 19.06
CA HIS B 143 -20.26 27.83 20.21
C HIS B 143 -20.31 26.63 21.14
N MET B 144 -19.64 26.75 22.28
CA MET B 144 -19.39 25.62 23.17
C MET B 144 -20.53 25.32 24.15
N GLY B 145 -21.05 24.11 24.05
CA GLY B 145 -22.16 23.64 24.87
C GLY B 145 -22.97 22.55 24.18
N PHE B 146 -24.11 22.22 24.75
CA PHE B 146 -24.98 21.18 24.19
C PHE B 146 -26.14 21.79 23.43
N GLY B 147 -26.07 21.73 22.10
CA GLY B 147 -27.13 22.22 21.24
C GLY B 147 -28.35 21.32 21.27
N ALA B 148 -29.53 21.93 21.23
CA ALA B 148 -30.81 21.24 21.24
C ALA B 148 -31.82 22.07 20.45
N LEU B 149 -32.80 21.40 19.84
CA LEU B 149 -33.75 22.10 18.97
C LEU B 149 -34.91 22.69 19.77
N GLN B 150 -35.41 23.84 19.30
CA GLN B 150 -36.55 24.50 19.91
C GLN B 150 -37.70 24.57 18.92
N ASP B 151 -37.37 24.95 17.70
CA ASP B 151 -38.28 24.86 16.56
C ASP B 151 -37.46 24.75 15.27
N ALA B 152 -38.13 24.93 14.14
CA ALA B 152 -37.49 24.83 12.83
C ALA B 152 -36.28 25.77 12.66
N HIS B 153 -36.23 26.83 13.46
CA HIS B 153 -35.24 27.90 13.26
C HIS B 153 -34.45 28.29 14.50
N THR B 154 -34.70 27.61 15.62
CA THR B 154 -34.04 27.93 16.89
C THR B 154 -33.27 26.77 17.49
N VAL B 155 -31.95 26.90 17.53
CA VAL B 155 -31.09 25.97 18.24
C VAL B 155 -30.69 26.61 19.57
N VAL B 156 -30.86 25.87 20.65
CA VAL B 156 -30.61 26.41 21.98
C VAL B 156 -29.40 25.71 22.61
N VAL B 157 -28.32 26.47 22.79
CA VAL B 157 -27.11 25.94 23.41
C VAL B 157 -27.26 25.99 24.93
N ARG B 158 -27.20 24.82 25.57
CA ARG B 158 -27.25 24.72 27.03
C ARG B 158 -25.88 24.25 27.54
N LYS B 159 -25.65 24.37 28.85
CA LYS B 159 -24.37 23.94 29.41
C LYS B 159 -24.31 22.43 29.71
N SER B 160 -25.48 21.81 29.78
CA SER B 160 -25.58 20.38 30.05
C SER B 160 -26.52 19.68 29.04
N GLU B 161 -26.50 18.35 29.03
CA GLU B 161 -27.48 17.58 28.28
C GLU B 161 -28.85 17.67 28.93
N ASP B 162 -28.85 17.83 30.26
CA ASP B 162 -30.05 18.12 31.04
C ASP B 162 -30.74 19.39 30.52
N PRO B 163 -31.97 19.24 29.99
CA PRO B 163 -32.71 20.38 29.43
C PRO B 163 -33.23 21.35 30.49
N HIS B 164 -32.64 21.31 31.69
CA HIS B 164 -32.93 22.24 32.77
C HIS B 164 -31.72 23.07 33.16
N SER B 165 -30.56 22.73 32.60
CA SER B 165 -29.34 23.51 32.79
C SER B 165 -29.48 24.87 32.11
N ASP B 166 -28.61 25.80 32.49
CA ASP B 166 -28.67 27.17 32.02
C ASP B 166 -28.52 27.28 30.50
N VAL B 167 -29.35 28.13 29.91
CA VAL B 167 -29.27 28.45 28.48
C VAL B 167 -28.12 29.43 28.25
N LEU B 168 -27.11 29.00 27.49
CA LEU B 168 -25.94 29.85 27.19
C LEU B 168 -26.18 30.80 26.01
N GLU B 169 -26.70 30.25 24.92
CA GLU B 169 -27.03 31.03 23.74
C GLU B 169 -28.34 30.57 23.15
N THR B 170 -28.88 31.38 22.24
CA THR B 170 -30.10 31.03 21.51
C THR B 170 -29.88 31.46 20.06
N LEU B 171 -29.63 30.49 19.20
CA LEU B 171 -29.20 30.77 17.84
C LEU B 171 -30.35 30.73 16.84
N ASP B 172 -30.67 31.91 16.30
CA ASP B 172 -31.69 32.04 15.25
C ASP B 172 -31.04 31.76 13.90
N THR B 173 -31.58 30.78 13.18
CA THR B 173 -30.95 30.31 11.95
C THR B 173 -31.94 29.98 10.84
N GLU B 174 -31.43 29.97 9.60
CA GLU B 174 -32.16 29.55 8.41
C GLU B 174 -32.22 28.03 8.33
N TYR B 175 -31.05 27.40 8.42
CA TYR B 175 -30.92 25.94 8.30
C TYR B 175 -30.25 25.32 9.50
N ILE B 176 -30.76 24.16 9.92
CA ILE B 176 -30.18 23.39 11.02
C ILE B 176 -29.61 22.09 10.49
N LEU B 177 -28.33 21.84 10.77
CA LEU B 177 -27.69 20.60 10.37
C LEU B 177 -27.26 19.77 11.58
N ILE B 178 -27.81 18.57 11.68
CA ILE B 178 -27.47 17.66 12.75
C ILE B 178 -26.33 16.76 12.31
N ALA B 179 -25.23 16.78 13.07
CA ALA B 179 -24.05 16.01 12.76
C ALA B 179 -23.38 15.61 14.07
N THR B 180 -24.20 15.12 15.00
CA THR B 180 -23.73 14.77 16.35
C THR B 180 -23.24 13.33 16.47
N GLY B 181 -23.29 12.58 15.38
CA GLY B 181 -22.69 11.24 15.31
C GLY B 181 -23.31 10.17 16.18
N SER B 182 -22.44 9.31 16.73
CA SER B 182 -22.87 8.11 17.45
C SER B 182 -22.09 7.88 18.75
N TRP B 183 -22.57 6.95 19.57
CA TRP B 183 -22.12 6.75 20.96
C TRP B 183 -22.06 5.26 21.29
N PRO B 184 -21.06 4.82 22.11
CA PRO B 184 -20.94 3.39 22.45
C PRO B 184 -22.20 2.83 23.11
N THR B 185 -22.63 1.66 22.66
CA THR B 185 -23.74 0.95 23.30
C THR B 185 -23.21 0.08 24.43
N ARG B 186 -23.93 0.08 25.54
CA ARG B 186 -23.63 -0.80 26.65
C ARG B 186 -24.48 -2.06 26.51
N LEU B 187 -24.29 -3.03 27.41
CA LEU B 187 -25.21 -4.17 27.46
C LEU B 187 -25.79 -4.38 28.86
N GLY B 188 -27.12 -4.56 28.92
CA GLY B 188 -27.89 -4.50 30.17
C GLY B 188 -27.51 -5.36 31.36
N VAL B 189 -26.45 -6.15 31.21
CA VAL B 189 -25.93 -7.06 32.24
C VAL B 189 -25.58 -6.36 33.57
N PRO B 190 -25.82 -7.03 34.71
CA PRO B 190 -25.37 -6.55 36.02
C PRO B 190 -23.84 -6.38 36.11
N GLY B 191 -23.40 -5.19 36.47
CA GLY B 191 -21.97 -4.86 36.52
C GLY B 191 -21.47 -4.23 35.23
N ASP B 192 -22.40 -3.92 34.34
CA ASP B 192 -22.12 -3.30 33.04
C ASP B 192 -21.22 -2.07 33.16
N GLU B 193 -21.52 -1.24 34.17
CA GLU B 193 -20.80 0.02 34.38
C GLU B 193 -19.41 -0.16 35.03
N PHE B 194 -18.97 -1.40 35.21
CA PHE B 194 -17.60 -1.68 35.64
C PHE B 194 -16.64 -1.79 34.45
N CYS B 195 -17.22 -1.88 33.25
CA CYS B 195 -16.45 -2.02 32.02
C CYS B 195 -16.17 -0.69 31.37
N ILE B 196 -15.12 -0.65 30.56
CA ILE B 196 -14.82 0.52 29.75
C ILE B 196 -15.33 0.36 28.32
N THR B 197 -15.24 1.43 27.53
CA THR B 197 -15.56 1.42 26.11
C THR B 197 -14.35 1.93 25.34
N SER B 198 -14.51 2.13 24.02
CA SER B 198 -13.43 2.68 23.20
C SER B 198 -13.00 4.07 23.67
N ASN B 199 -13.94 4.83 24.25
CA ASN B 199 -13.66 6.15 24.81
C ASN B 199 -12.60 6.11 25.92
N GLU B 200 -12.92 5.41 27.01
CA GLU B 200 -12.05 5.31 28.19
C GLU B 200 -10.74 4.58 27.88
N ALA B 201 -10.77 3.78 26.82
CA ALA B 201 -9.62 3.02 26.39
C ALA B 201 -8.46 3.94 26.04
N PHE B 202 -8.78 5.07 25.44
CA PHE B 202 -7.79 6.04 25.00
C PHE B 202 -7.10 6.78 26.16
N TYR B 203 -7.64 6.62 27.36
CA TYR B 203 -7.17 7.39 28.52
C TYR B 203 -6.83 6.53 29.75
N LEU B 204 -6.58 5.24 29.52
CA LEU B 204 -6.13 4.35 30.60
C LEU B 204 -4.73 4.73 31.08
N GLU B 205 -4.56 4.76 32.39
CA GLU B 205 -3.29 5.16 33.00
C GLU B 205 -2.18 4.15 32.71
N ASP B 206 -2.50 2.87 32.80
CA ASP B 206 -1.55 1.78 32.50
C ASP B 206 -2.15 0.83 31.45
N ALA B 207 -1.27 0.14 30.73
CA ALA B 207 -1.69 -0.91 29.82
C ALA B 207 -2.06 -2.14 30.65
N PRO B 208 -3.24 -2.73 30.38
CA PRO B 208 -3.70 -3.88 31.16
C PRO B 208 -2.89 -5.16 30.88
N LYS B 209 -2.63 -5.95 31.93
CA LYS B 209 -1.98 -7.25 31.79
C LYS B 209 -2.98 -8.30 31.27
N ARG B 210 -4.18 -8.32 31.85
CA ARG B 210 -5.23 -9.26 31.46
C ARG B 210 -6.38 -8.50 30.85
N MET B 211 -6.48 -8.55 29.53
CA MET B 211 -7.49 -7.79 28.80
C MET B 211 -8.59 -8.68 28.23
N LEU B 212 -9.84 -8.22 28.38
CA LEU B 212 -10.96 -8.84 27.69
C LEU B 212 -11.64 -7.82 26.78
N CYS B 213 -11.71 -8.14 25.49
CA CYS B 213 -12.41 -7.31 24.52
C CYS B 213 -13.68 -8.03 24.11
N VAL B 214 -14.82 -7.48 24.52
CA VAL B 214 -16.12 -8.09 24.24
C VAL B 214 -16.67 -7.61 22.90
N GLY B 215 -16.97 -8.55 22.02
CA GLY B 215 -17.55 -8.24 20.71
C GLY B 215 -16.66 -8.70 19.57
N GLY B 216 -17.21 -8.67 18.35
CA GLY B 216 -16.46 -9.10 17.17
C GLY B 216 -16.58 -8.13 16.01
N GLY B 217 -16.40 -6.84 16.31
CA GLY B 217 -16.48 -5.80 15.29
C GLY B 217 -15.18 -5.04 15.08
N TYR B 218 -15.23 -4.06 14.19
CA TYR B 218 -14.11 -3.17 13.87
C TYR B 218 -13.28 -2.82 15.10
N ILE B 219 -13.91 -2.15 16.07
CA ILE B 219 -13.25 -1.67 17.28
C ILE B 219 -12.70 -2.84 18.08
N ALA B 220 -13.54 -3.82 18.35
CA ALA B 220 -13.16 -5.03 19.09
C ALA B 220 -11.85 -5.62 18.58
N VAL B 221 -11.78 -5.81 17.27
CA VAL B 221 -10.62 -6.42 16.63
C VAL B 221 -9.39 -5.50 16.67
N GLU B 222 -9.56 -4.27 16.19
CA GLU B 222 -8.46 -3.30 16.14
C GLU B 222 -7.82 -3.08 17.52
N PHE B 223 -8.66 -2.91 18.54
CA PHE B 223 -8.20 -2.67 19.91
C PHE B 223 -7.56 -3.88 20.56
N ALA B 224 -8.03 -5.07 20.21
CA ALA B 224 -7.38 -6.29 20.64
C ALA B 224 -5.93 -6.25 20.19
N GLY B 225 -5.71 -5.91 18.92
CA GLY B 225 -4.37 -5.75 18.37
C GLY B 225 -3.51 -4.73 19.10
N ILE B 226 -4.14 -3.62 19.52
CA ILE B 226 -3.47 -2.55 20.28
C ILE B 226 -2.98 -3.07 21.62
N PHE B 227 -3.91 -3.56 22.45
CA PHE B 227 -3.59 -4.04 23.80
C PHE B 227 -2.58 -5.18 23.75
N ASN B 228 -2.76 -6.07 22.77
CA ASN B 228 -1.83 -7.18 22.55
C ASN B 228 -0.42 -6.70 22.22
N GLY B 229 -0.32 -5.50 21.66
CA GLY B 229 0.97 -4.91 21.38
C GLY B 229 1.59 -4.29 22.61
N TYR B 230 0.73 -3.68 23.43
CA TYR B 230 1.18 -2.90 24.60
C TYR B 230 1.07 -3.60 25.94
N LYS B 231 0.64 -4.86 25.93
CA LYS B 231 0.58 -5.68 27.13
C LYS B 231 1.96 -5.77 27.81
N PRO B 232 1.98 -5.71 29.17
CA PRO B 232 3.22 -5.88 29.90
C PRO B 232 3.63 -7.35 29.94
N CYS B 233 4.67 -7.68 30.69
CA CYS B 233 5.15 -9.06 30.78
C CYS B 233 4.08 -10.06 31.22
N GLY B 234 4.02 -11.19 30.51
CA GLY B 234 3.07 -12.26 30.79
C GLY B 234 1.63 -11.86 30.59
N GLY B 235 1.41 -10.72 29.96
CA GLY B 235 0.07 -10.23 29.67
C GLY B 235 -0.58 -10.98 28.54
N TYR B 236 -1.90 -10.90 28.46
CA TYR B 236 -2.68 -11.58 27.43
C TYR B 236 -3.99 -10.85 27.12
N VAL B 237 -4.44 -10.94 25.87
CA VAL B 237 -5.70 -10.35 25.46
C VAL B 237 -6.68 -11.45 25.02
N ASP B 238 -7.89 -11.42 25.58
CA ASP B 238 -8.95 -12.33 25.16
C ASP B 238 -10.01 -11.56 24.40
N LEU B 239 -10.55 -12.18 23.36
CA LEU B 239 -11.57 -11.55 22.54
C LEU B 239 -12.76 -12.50 22.44
N CYS B 240 -13.84 -12.18 23.14
CA CYS B 240 -15.03 -13.03 23.07
C CYS B 240 -16.14 -12.43 22.23
N TYR B 241 -16.72 -13.27 21.39
CA TYR B 241 -17.74 -12.86 20.46
C TYR B 241 -19.01 -13.70 20.63
N ARG B 242 -20.15 -13.03 20.51
CA ARG B 242 -21.48 -13.64 20.66
C ARG B 242 -21.70 -14.83 19.72
N GLY B 243 -21.47 -14.63 18.41
CA GLY B 243 -21.66 -15.67 17.38
C GLY B 243 -20.45 -16.57 17.18
N ASP B 244 -20.33 -17.19 16.02
CA ASP B 244 -19.24 -18.14 15.78
C ASP B 244 -18.13 -17.77 14.79
N LEU B 245 -18.26 -16.62 14.12
CA LEU B 245 -17.16 -16.07 13.31
C LEU B 245 -17.12 -14.55 13.37
N ILE B 246 -16.03 -14.00 13.88
CA ILE B 246 -15.86 -12.55 14.06
C ILE B 246 -16.02 -11.78 12.75
N LEU B 247 -16.33 -10.49 12.89
CA LEU B 247 -16.49 -9.56 11.76
C LEU B 247 -17.53 -10.04 10.78
N ARG B 248 -18.76 -10.20 11.26
CA ARG B 248 -19.86 -10.58 10.41
C ARG B 248 -20.16 -9.44 9.45
N GLY B 249 -20.29 -9.78 8.16
CA GLY B 249 -20.49 -8.77 7.13
C GLY B 249 -19.34 -8.77 6.15
N PHE B 250 -18.19 -9.25 6.61
CA PHE B 250 -16.98 -9.34 5.78
C PHE B 250 -16.87 -10.69 5.09
N ASP B 251 -16.01 -10.72 4.05
CA ASP B 251 -15.69 -11.96 3.34
C ASP B 251 -15.32 -13.06 4.33
N THR B 252 -16.10 -14.13 4.31
CA THR B 252 -16.02 -15.20 5.31
C THR B 252 -14.68 -15.93 5.28
N GLU B 253 -14.03 -15.94 4.12
CA GLU B 253 -12.73 -16.57 3.97
C GLU B 253 -11.63 -15.68 4.56
N VAL B 254 -11.87 -14.38 4.53
CA VAL B 254 -11.00 -13.39 5.16
C VAL B 254 -11.15 -13.45 6.69
N ARG B 255 -12.39 -13.50 7.17
CA ARG B 255 -12.71 -13.59 8.60
C ARG B 255 -12.02 -14.78 9.28
N LYS B 256 -12.10 -15.94 8.63
CA LYS B 256 -11.49 -17.17 9.14
C LYS B 256 -9.96 -17.06 9.18
N SER B 257 -9.38 -16.49 8.14
CA SER B 257 -7.92 -16.32 8.04
C SER B 257 -7.40 -15.32 9.06
N LEU B 258 -8.19 -14.27 9.32
CA LEU B 258 -7.83 -13.26 10.31
C LEU B 258 -7.87 -13.85 11.72
N THR B 259 -8.92 -14.62 12.00
CA THR B 259 -9.06 -15.29 13.30
C THR B 259 -7.84 -16.15 13.63
N LYS B 260 -7.31 -16.85 12.62
CA LYS B 260 -6.12 -17.66 12.79
C LYS B 260 -4.90 -16.80 13.10
N GLN B 261 -4.77 -15.70 12.35
CA GLN B 261 -3.58 -14.85 12.43
C GLN B 261 -3.54 -14.04 13.72
N LEU B 262 -4.71 -13.66 14.22
CA LEU B 262 -4.82 -13.03 15.53
C LEU B 262 -4.37 -14.01 16.62
N GLY B 263 -4.78 -15.27 16.47
CA GLY B 263 -4.32 -16.35 17.34
C GLY B 263 -2.82 -16.52 17.31
N ALA B 264 -2.27 -16.67 16.11
CA ALA B 264 -0.83 -16.84 15.91
C ALA B 264 -0.03 -15.67 16.47
N ASN B 265 -0.70 -14.51 16.58
CA ASN B 265 -0.08 -13.29 17.09
C ASN B 265 -0.22 -13.16 18.61
N GLY B 266 -1.03 -14.05 19.21
CA GLY B 266 -1.14 -14.13 20.66
C GLY B 266 -2.49 -13.77 21.23
N ILE B 267 -3.45 -13.45 20.37
CA ILE B 267 -4.80 -13.08 20.82
C ILE B 267 -5.67 -14.33 20.85
N ARG B 268 -6.24 -14.61 22.02
CA ARG B 268 -7.07 -15.79 22.20
C ARG B 268 -8.52 -15.49 21.83
N VAL B 269 -8.88 -15.76 20.57
CA VAL B 269 -10.25 -15.57 20.08
C VAL B 269 -11.18 -16.62 20.70
N ARG B 270 -12.38 -16.19 21.06
CA ARG B 270 -13.29 -17.04 21.83
C ARG B 270 -14.73 -16.88 21.36
N THR B 271 -15.13 -17.69 20.39
CA THR B 271 -16.47 -17.57 19.78
C THR B 271 -17.59 -18.20 20.64
N ASN B 272 -18.84 -17.93 20.25
CA ASN B 272 -20.04 -18.39 20.95
C ASN B 272 -20.00 -18.20 22.46
N LEU B 273 -19.47 -17.05 22.89
CA LEU B 273 -19.31 -16.73 24.30
C LEU B 273 -19.72 -15.28 24.57
N ASN B 274 -20.28 -15.05 25.76
CA ASN B 274 -20.81 -13.75 26.14
C ASN B 274 -20.85 -13.59 27.66
N PRO B 275 -20.27 -12.51 28.19
CA PRO B 275 -20.37 -12.26 29.64
C PRO B 275 -21.81 -12.07 30.12
N THR B 276 -22.05 -12.39 31.38
CA THR B 276 -23.40 -12.33 31.96
C THR B 276 -23.49 -11.52 33.26
N LYS B 277 -22.34 -11.35 33.92
CA LYS B 277 -22.29 -10.65 35.22
C LYS B 277 -20.85 -10.26 35.53
N ILE B 278 -20.66 -9.05 36.03
CA ILE B 278 -19.32 -8.55 36.32
C ILE B 278 -19.27 -7.88 37.71
N THR B 279 -18.31 -8.31 38.51
CA THR B 279 -18.14 -7.79 39.87
C THR B 279 -16.69 -7.32 40.09
N LYS B 280 -16.49 -6.42 41.03
CA LYS B 280 -15.17 -5.84 41.27
C LYS B 280 -14.44 -6.49 42.45
N ASN B 281 -13.28 -7.09 42.17
CA ASN B 281 -12.42 -7.64 43.22
C ASN B 281 -11.75 -6.52 44.00
N GLU B 282 -11.48 -6.78 45.29
CA GLU B 282 -10.92 -5.76 46.16
C GLU B 282 -9.40 -5.60 46.01
N ASP B 283 -8.99 -5.41 44.76
CA ASP B 283 -7.63 -5.01 44.39
C ASP B 283 -7.71 -4.17 43.11
N GLY B 284 -8.95 -3.90 42.68
CA GLY B 284 -9.23 -3.11 41.47
C GLY B 284 -9.83 -3.93 40.36
N SER B 285 -9.27 -5.12 40.14
CA SER B 285 -9.63 -6.01 39.03
C SER B 285 -11.11 -6.40 38.96
N ASN B 286 -11.51 -6.99 37.84
CA ASN B 286 -12.90 -7.38 37.64
C ASN B 286 -13.07 -8.88 37.46
N HIS B 287 -14.10 -9.42 38.10
CA HIS B 287 -14.46 -10.82 37.93
C HIS B 287 -15.59 -10.94 36.92
N VAL B 288 -15.38 -11.78 35.90
CA VAL B 288 -16.37 -11.93 34.82
C VAL B 288 -17.01 -13.32 34.82
N HIS B 289 -18.34 -13.33 34.89
CA HIS B 289 -19.14 -14.53 34.71
C HIS B 289 -19.55 -14.62 33.25
N PHE B 290 -19.36 -15.80 32.67
CA PHE B 290 -19.57 -15.99 31.23
C PHE B 290 -20.85 -16.75 30.84
N ASN B 291 -21.01 -16.95 29.53
CA ASN B 291 -22.11 -17.70 28.94
C ASN B 291 -22.04 -19.17 29.34
N ASP B 292 -20.89 -19.78 29.09
CA ASP B 292 -20.66 -21.19 29.44
C ASP B 292 -20.47 -21.40 30.94
N GLY B 293 -20.82 -20.39 31.74
CA GLY B 293 -20.76 -20.49 33.20
C GLY B 293 -19.37 -20.41 33.82
N THR B 294 -18.35 -20.18 33.01
CA THR B 294 -16.98 -20.06 33.51
C THR B 294 -16.73 -18.70 34.15
N GLU B 295 -15.58 -18.58 34.83
CA GLU B 295 -15.20 -17.36 35.54
C GLU B 295 -13.72 -17.06 35.39
N GLU B 296 -13.39 -15.84 34.98
CA GLU B 296 -11.98 -15.41 34.87
C GLU B 296 -11.76 -13.97 35.34
N ASP B 297 -10.50 -13.62 35.57
CA ASP B 297 -10.13 -12.29 36.07
C ASP B 297 -9.34 -11.45 35.07
N TYR B 298 -9.95 -10.36 34.63
CA TYR B 298 -9.30 -9.40 33.74
C TYR B 298 -9.12 -8.05 34.44
N ASP B 299 -8.01 -7.39 34.15
CA ASP B 299 -7.75 -6.06 34.69
C ASP B 299 -8.70 -5.03 34.10
N GLN B 300 -9.03 -5.18 32.81
CA GLN B 300 -9.97 -4.31 32.13
C GLN B 300 -10.85 -5.13 31.17
N VAL B 301 -12.08 -4.66 30.98
CA VAL B 301 -12.99 -5.30 30.03
C VAL B 301 -13.69 -4.23 29.19
N MET B 302 -13.45 -4.29 27.88
CA MET B 302 -13.92 -3.26 26.94
C MET B 302 -15.11 -3.76 26.15
N LEU B 303 -16.16 -2.94 26.08
CA LEU B 303 -17.38 -3.35 25.39
C LEU B 303 -17.49 -2.73 24.00
N ALA B 304 -17.12 -3.49 22.98
CA ALA B 304 -17.26 -3.06 21.59
C ALA B 304 -18.56 -3.60 21.00
N ILE B 305 -19.67 -3.33 21.69
CA ILE B 305 -20.99 -3.85 21.36
C ILE B 305 -21.59 -3.20 20.12
N GLY B 306 -21.51 -1.88 20.02
CA GLY B 306 -22.09 -1.15 18.90
C GLY B 306 -22.12 0.35 19.11
N ARG B 307 -22.59 1.07 18.10
CA ARG B 307 -22.71 2.53 18.19
C ARG B 307 -24.09 3.03 17.76
N VAL B 308 -24.91 3.39 18.75
CA VAL B 308 -26.22 4.01 18.53
C VAL B 308 -26.08 5.50 18.22
N PRO B 309 -26.83 6.00 17.21
CA PRO B 309 -26.80 7.43 16.89
C PRO B 309 -27.09 8.31 18.10
N ARG B 310 -26.37 9.42 18.22
CA ARG B 310 -26.46 10.31 19.38
C ARG B 310 -27.46 11.42 19.14
N SER B 311 -28.73 11.14 19.43
CA SER B 311 -29.83 12.08 19.17
C SER B 311 -30.85 12.09 20.30
N GLN B 312 -30.57 11.33 21.35
CA GLN B 312 -31.47 11.17 22.50
C GLN B 312 -31.74 12.50 23.20
N ALA B 313 -30.76 13.40 23.11
CA ALA B 313 -30.77 14.68 23.83
C ALA B 313 -31.28 15.89 23.02
N LEU B 314 -31.18 15.80 21.70
CA LEU B 314 -31.42 16.94 20.82
C LEU B 314 -32.87 17.42 20.73
N GLN B 315 -33.76 16.84 21.54
CA GLN B 315 -35.19 17.17 21.53
C GLN B 315 -35.78 17.28 20.12
N LEU B 316 -35.61 16.25 19.30
CA LEU B 316 -36.12 16.26 17.92
C LEU B 316 -37.65 16.29 17.90
N ASP B 317 -38.25 15.66 18.90
CA ASP B 317 -39.70 15.69 19.15
C ASP B 317 -40.24 17.12 19.10
N LYS B 318 -39.60 18.02 19.84
CA LYS B 318 -39.99 19.43 19.89
C LYS B 318 -40.05 20.07 18.50
N ALA B 319 -38.99 19.88 17.70
CA ALA B 319 -38.91 20.46 16.37
C ALA B 319 -39.61 19.62 15.30
N GLY B 320 -40.06 18.43 15.71
CA GLY B 320 -40.75 17.50 14.82
C GLY B 320 -39.85 16.92 13.75
N VAL B 321 -38.75 16.31 14.19
CA VAL B 321 -37.82 15.62 13.28
C VAL B 321 -37.95 14.11 13.46
N ARG B 322 -38.28 13.42 12.37
CA ARG B 322 -38.60 11.98 12.43
C ARG B 322 -37.37 11.11 12.71
N THR B 323 -37.44 10.39 13.83
CA THR B 323 -36.38 9.48 14.26
C THR B 323 -36.85 8.04 14.16
N GLY B 324 -36.24 7.27 13.28
CA GLY B 324 -36.61 5.87 13.05
C GLY B 324 -35.97 4.88 14.00
N LYS B 325 -35.25 3.92 13.42
CA LYS B 325 -34.73 2.77 14.17
C LYS B 325 -33.50 3.11 15.01
N ASN B 326 -33.66 3.05 16.33
CA ASN B 326 -32.60 3.31 17.33
C ASN B 326 -32.15 4.77 17.44
N GLY B 327 -33.07 5.69 17.21
CA GLY B 327 -32.79 7.12 17.35
C GLY B 327 -32.25 7.77 16.09
N ALA B 328 -31.89 6.97 15.10
CA ALA B 328 -31.35 7.48 13.84
C ALA B 328 -32.31 8.48 13.17
N VAL B 329 -31.76 9.61 12.75
CA VAL B 329 -32.57 10.65 12.11
C VAL B 329 -32.85 10.25 10.66
N GLN B 330 -34.14 10.15 10.35
CA GLN B 330 -34.56 9.71 9.02
C GLN B 330 -34.46 10.81 7.99
N VAL B 331 -33.74 10.51 6.91
CA VAL B 331 -33.46 11.48 5.86
C VAL B 331 -33.67 10.85 4.49
N ASP B 332 -33.73 11.69 3.45
CA ASP B 332 -33.72 11.18 2.09
C ASP B 332 -32.30 11.13 1.55
N ALA B 333 -32.16 11.01 0.23
CA ALA B 333 -30.85 10.87 -0.42
C ALA B 333 -29.99 12.14 -0.37
N TYR B 334 -30.61 13.25 0.02
CA TYR B 334 -29.91 14.53 0.10
C TYR B 334 -29.75 15.01 1.56
N SER B 335 -30.11 14.13 2.49
CA SER B 335 -29.99 14.37 3.94
C SER B 335 -31.10 15.23 4.55
N LYS B 336 -32.11 15.59 3.75
CA LYS B 336 -33.24 16.40 4.22
C LYS B 336 -34.18 15.58 5.12
N THR B 337 -34.57 16.17 6.25
CA THR B 337 -35.38 15.47 7.24
C THR B 337 -36.88 15.67 6.98
N SER B 338 -37.69 15.38 8.00
CA SER B 338 -39.13 15.62 7.96
C SER B 338 -39.49 17.10 7.83
N VAL B 339 -38.57 17.99 8.27
CA VAL B 339 -38.72 19.44 8.09
C VAL B 339 -37.74 19.92 7.03
N ASP B 340 -38.20 20.80 6.14
CA ASP B 340 -37.45 21.23 4.95
C ASP B 340 -36.10 21.87 5.23
N ASN B 341 -36.02 22.64 6.31
CA ASN B 341 -34.83 23.41 6.64
C ASN B 341 -33.84 22.68 7.55
N ILE B 342 -34.27 21.55 8.10
CA ILE B 342 -33.42 20.74 8.98
C ILE B 342 -32.83 19.55 8.23
N TYR B 343 -31.53 19.33 8.44
CA TYR B 343 -30.80 18.26 7.78
C TYR B 343 -30.00 17.44 8.80
N ALA B 344 -29.58 16.25 8.38
CA ALA B 344 -28.71 15.41 9.21
C ALA B 344 -27.71 14.64 8.35
N ILE B 345 -26.47 14.55 8.83
CA ILE B 345 -25.42 13.82 8.14
C ILE B 345 -24.59 12.98 9.11
N GLY B 346 -23.82 12.03 8.55
CA GLY B 346 -22.94 11.17 9.33
C GLY B 346 -23.65 10.13 10.18
N ASP B 347 -22.92 9.59 11.14
CA ASP B 347 -23.38 8.47 11.97
C ASP B 347 -24.78 8.63 12.57
N VAL B 348 -25.23 9.87 12.74
CA VAL B 348 -26.54 10.12 13.33
C VAL B 348 -27.69 9.66 12.42
N THR B 349 -27.41 9.57 11.12
CA THR B 349 -28.39 9.04 10.16
C THR B 349 -28.33 7.52 10.12
N ASN B 350 -27.17 6.97 10.47
CA ASN B 350 -26.94 5.52 10.49
C ASN B 350 -27.07 4.89 9.09
N ARG B 351 -26.28 5.39 8.15
CA ARG B 351 -26.15 4.75 6.85
C ARG B 351 -24.83 3.96 6.83
N VAL B 352 -23.76 4.58 6.36
CA VAL B 352 -22.44 3.95 6.43
C VAL B 352 -21.55 4.79 7.37
N MET B 353 -21.40 4.32 8.61
CA MET B 353 -20.68 5.04 9.66
C MET B 353 -19.16 5.13 9.46
N LEU B 354 -18.75 6.00 8.54
CA LEU B 354 -17.34 6.23 8.26
C LEU B 354 -17.09 7.72 8.06
N THR B 355 -15.90 8.17 8.45
CA THR B 355 -15.50 9.57 8.32
C THR B 355 -15.62 10.14 6.89
N PRO B 356 -15.02 9.48 5.88
CA PRO B 356 -15.08 10.02 4.52
C PRO B 356 -16.49 10.07 3.94
N VAL B 357 -17.38 9.20 4.42
CA VAL B 357 -18.78 9.19 4.03
C VAL B 357 -19.50 10.46 4.52
N ALA B 358 -19.37 10.75 5.81
CA ALA B 358 -19.92 11.96 6.41
C ALA B 358 -19.38 13.23 5.74
N ILE B 359 -18.08 13.25 5.47
CA ILE B 359 -17.43 14.34 4.73
C ILE B 359 -18.08 14.52 3.36
N ASN B 360 -18.27 13.41 2.65
CA ASN B 360 -18.93 13.44 1.35
C ASN B 360 -20.40 13.85 1.47
N GLU B 361 -21.07 13.39 2.52
CA GLU B 361 -22.44 13.79 2.81
C GLU B 361 -22.55 15.28 3.11
N GLY B 362 -21.56 15.81 3.83
CA GLY B 362 -21.49 17.22 4.18
C GLY B 362 -21.25 18.11 2.99
N ALA B 363 -20.24 17.75 2.18
CA ALA B 363 -19.90 18.48 0.97
C ALA B 363 -21.08 18.52 -0.01
N ALA B 364 -21.84 17.42 -0.09
CA ALA B 364 -23.03 17.32 -0.93
C ALA B 364 -24.14 18.23 -0.43
N PHE B 365 -24.40 18.17 0.89
CA PHE B 365 -25.37 19.04 1.55
C PHE B 365 -25.18 20.51 1.21
N VAL B 366 -23.94 20.98 1.27
CA VAL B 366 -23.61 22.36 0.93
C VAL B 366 -23.95 22.68 -0.52
N GLU B 367 -23.55 21.80 -1.43
CA GLU B 367 -23.87 21.92 -2.85
C GLU B 367 -25.39 21.91 -3.10
N THR B 368 -26.11 21.14 -2.28
CA THR B 368 -27.56 21.03 -2.42
C THR B 368 -28.29 22.33 -2.07
N VAL B 369 -28.02 22.88 -0.88
CA VAL B 369 -28.78 24.06 -0.41
C VAL B 369 -28.10 25.41 -0.65
N PHE B 370 -26.78 25.46 -0.54
CA PHE B 370 -26.06 26.73 -0.72
C PHE B 370 -25.30 26.78 -2.04
N GLY B 371 -25.20 25.64 -2.72
CA GLY B 371 -24.45 25.55 -3.98
C GLY B 371 -25.32 25.70 -5.20
N GLY B 372 -26.63 25.48 -5.02
CA GLY B 372 -27.60 25.59 -6.11
C GLY B 372 -27.78 24.29 -6.86
N LYS B 373 -26.69 23.56 -7.06
CA LYS B 373 -26.67 22.31 -7.80
C LYS B 373 -26.70 21.10 -6.84
N PRO B 374 -27.90 20.52 -6.62
CA PRO B 374 -28.06 19.42 -5.65
C PRO B 374 -27.30 18.15 -6.04
N ARG B 375 -27.07 17.28 -5.06
CA ARG B 375 -26.27 16.06 -5.25
C ARG B 375 -26.43 15.08 -4.07
N ALA B 376 -26.50 13.79 -4.38
CA ALA B 376 -26.69 12.74 -3.37
C ALA B 376 -25.44 11.88 -3.23
N THR B 377 -25.11 11.51 -1.99
CA THR B 377 -23.92 10.70 -1.71
C THR B 377 -24.12 9.23 -2.15
N ASP B 378 -23.24 8.77 -3.04
CA ASP B 378 -23.28 7.39 -3.53
C ASP B 378 -22.82 6.40 -2.44
N HIS B 379 -23.79 5.71 -1.84
CA HIS B 379 -23.51 4.82 -0.70
C HIS B 379 -23.02 3.43 -1.07
N THR B 380 -23.18 3.05 -2.33
CA THR B 380 -22.76 1.72 -2.79
C THR B 380 -21.34 1.75 -3.33
N LYS B 381 -20.64 0.63 -3.17
CA LYS B 381 -19.25 0.47 -3.61
C LYS B 381 -18.30 1.46 -2.93
N VAL B 382 -18.46 1.60 -1.63
CA VAL B 382 -17.60 2.43 -0.80
C VAL B 382 -16.51 1.56 -0.20
N ALA B 383 -15.26 1.85 -0.54
CA ALA B 383 -14.12 1.09 -0.03
C ALA B 383 -13.81 1.49 1.41
N CYS B 384 -13.64 0.49 2.27
CA CYS B 384 -13.22 0.74 3.65
C CYS B 384 -12.15 -0.25 4.12
N ALA B 385 -11.67 -0.07 5.34
CA ALA B 385 -10.62 -0.91 5.88
C ALA B 385 -10.78 -1.22 7.38
N VAL B 386 -10.21 -2.33 7.82
CA VAL B 386 -10.14 -2.65 9.25
C VAL B 386 -8.68 -2.66 9.64
N PHE B 387 -8.34 -1.92 10.68
CA PHE B 387 -6.94 -1.77 11.08
C PHE B 387 -6.53 -2.75 12.18
N SER B 388 -6.71 -4.03 11.87
CA SER B 388 -6.21 -5.13 12.69
C SER B 388 -4.75 -5.42 12.32
N ILE B 389 -4.13 -6.37 13.00
CA ILE B 389 -2.78 -6.83 12.65
C ILE B 389 -2.85 -8.30 12.23
N PRO B 390 -2.85 -8.57 10.90
CA PRO B 390 -2.77 -7.68 9.73
C PRO B 390 -4.10 -7.01 9.38
N PRO B 391 -4.05 -5.93 8.57
CA PRO B 391 -5.24 -5.16 8.26
C PRO B 391 -6.08 -5.71 7.11
N ILE B 392 -7.37 -5.35 7.10
CA ILE B 392 -8.30 -5.73 6.03
C ILE B 392 -8.61 -4.54 5.14
N GLY B 393 -8.66 -4.78 3.83
CA GLY B 393 -9.08 -3.75 2.88
C GLY B 393 -10.09 -4.33 1.90
N THR B 394 -11.35 -3.90 2.04
CA THR B 394 -12.43 -4.41 1.20
C THR B 394 -13.24 -3.32 0.50
N CYS B 395 -13.92 -3.73 -0.57
CA CYS B 395 -14.80 -2.85 -1.34
C CYS B 395 -15.86 -3.69 -2.04
N GLY B 396 -17.13 -3.33 -1.86
CA GLY B 396 -18.22 -3.97 -2.59
C GLY B 396 -18.86 -5.17 -1.91
N MET B 397 -19.22 -6.15 -2.73
CA MET B 397 -20.05 -7.29 -2.30
C MET B 397 -19.28 -8.54 -1.90
N THR B 398 -19.78 -9.22 -0.87
CA THR B 398 -19.28 -10.53 -0.46
C THR B 398 -19.87 -11.60 -1.37
N GLU B 399 -19.39 -12.84 -1.22
CA GLU B 399 -19.94 -13.99 -1.94
C GLU B 399 -21.43 -14.10 -1.64
N GLU B 400 -21.71 -14.37 -0.36
CA GLU B 400 -23.07 -14.56 0.15
C GLU B 400 -24.08 -13.61 -0.46
N GLU B 401 -23.80 -12.31 -0.39
CA GLU B 401 -24.72 -11.28 -0.88
C GLU B 401 -24.87 -11.29 -2.41
N ALA B 402 -23.75 -11.31 -3.11
CA ALA B 402 -23.76 -11.26 -4.57
C ALA B 402 -24.39 -12.51 -5.19
N ALA B 403 -24.30 -13.64 -4.48
CA ALA B 403 -24.93 -14.88 -4.91
C ALA B 403 -26.45 -14.83 -4.74
N LYS B 404 -26.88 -14.17 -3.66
CA LYS B 404 -28.30 -13.99 -3.35
C LYS B 404 -28.84 -12.70 -3.99
N ASN B 405 -28.19 -12.25 -5.06
CA ASN B 405 -28.54 -11.01 -5.76
C ASN B 405 -28.27 -11.04 -7.25
N TYR B 406 -27.41 -11.96 -7.68
CA TYR B 406 -27.01 -12.04 -9.09
C TYR B 406 -27.21 -13.44 -9.70
N GLU B 407 -27.50 -13.45 -11.00
CA GLU B 407 -27.79 -14.66 -11.77
C GLU B 407 -26.66 -15.68 -11.63
N THR B 408 -25.50 -15.33 -12.17
CA THR B 408 -24.33 -16.20 -12.15
C THR B 408 -23.08 -15.40 -11.74
N VAL B 409 -22.41 -15.84 -10.69
CA VAL B 409 -21.23 -15.16 -10.16
C VAL B 409 -19.96 -16.01 -10.30
N ALA B 410 -18.81 -15.34 -10.33
CA ALA B 410 -17.51 -16.02 -10.37
C ALA B 410 -16.65 -15.57 -9.20
N VAL B 411 -16.12 -16.55 -8.46
CA VAL B 411 -15.27 -16.26 -7.30
C VAL B 411 -13.82 -16.62 -7.58
N TYR B 412 -12.96 -15.60 -7.62
CA TYR B 412 -11.51 -15.77 -7.79
C TYR B 412 -10.83 -15.66 -6.44
N ALA B 413 -9.83 -16.50 -6.21
CA ALA B 413 -9.09 -16.47 -4.95
C ALA B 413 -7.61 -16.73 -5.17
N SER B 414 -6.81 -16.18 -4.26
CA SER B 414 -5.37 -16.35 -4.29
C SER B 414 -4.80 -16.03 -2.91
N SER B 415 -3.98 -16.96 -2.40
CA SER B 415 -3.26 -16.75 -1.16
C SER B 415 -1.77 -16.97 -1.42
N PHE B 416 -0.93 -16.23 -0.70
CA PHE B 416 0.52 -16.36 -0.82
C PHE B 416 1.21 -15.76 0.39
N THR B 417 2.39 -16.29 0.68
CA THR B 417 3.27 -15.73 1.69
C THR B 417 4.32 -14.88 0.98
N PRO B 418 4.40 -13.58 1.34
CA PRO B 418 5.43 -12.70 0.76
C PRO B 418 6.82 -13.24 1.10
N LEU B 419 7.70 -13.26 0.11
CA LEU B 419 8.99 -13.93 0.24
C LEU B 419 9.82 -13.50 1.46
N MET B 420 9.65 -12.25 1.86
CA MET B 420 10.33 -11.70 3.02
C MET B 420 10.04 -12.47 4.32
N HIS B 421 8.84 -13.06 4.40
CA HIS B 421 8.40 -13.74 5.61
C HIS B 421 9.03 -15.12 5.82
N ASN B 422 9.75 -15.60 4.81
CA ASN B 422 10.60 -16.78 4.96
C ASN B 422 11.78 -16.44 5.88
N ILE B 423 12.28 -15.21 5.76
CA ILE B 423 13.36 -14.72 6.59
C ILE B 423 12.83 -14.11 7.89
N SER B 424 11.78 -13.30 7.78
CA SER B 424 11.23 -12.53 8.90
C SER B 424 10.77 -13.39 10.07
N GLY B 425 10.49 -14.66 9.79
CA GLY B 425 10.05 -15.59 10.82
C GLY B 425 8.54 -15.67 10.93
N SER B 426 7.85 -14.57 10.63
CA SER B 426 6.39 -14.54 10.70
C SER B 426 5.79 -15.25 9.47
N LYS B 427 5.79 -16.57 9.50
CA LYS B 427 5.32 -17.38 8.37
C LYS B 427 3.80 -17.51 8.33
N HIS B 428 3.13 -17.06 9.38
CA HIS B 428 1.67 -17.04 9.45
C HIS B 428 1.07 -15.91 8.62
N LYS B 429 1.87 -14.87 8.35
CA LYS B 429 1.40 -13.68 7.65
C LYS B 429 1.18 -13.93 6.15
N GLU B 430 -0.02 -14.44 5.85
CA GLU B 430 -0.43 -14.78 4.49
C GLU B 430 -1.23 -13.62 3.92
N PHE B 431 -0.89 -13.20 2.71
CA PHE B 431 -1.67 -12.16 2.02
C PHE B 431 -2.75 -12.81 1.19
N MET B 432 -3.98 -12.34 1.34
CA MET B 432 -5.14 -12.92 0.66
C MET B 432 -5.90 -11.90 -0.18
N ILE B 433 -6.14 -12.24 -1.45
CA ILE B 433 -7.01 -11.46 -2.32
C ILE B 433 -8.13 -12.35 -2.83
N ARG B 434 -9.36 -11.82 -2.78
CA ARG B 434 -10.52 -12.53 -3.31
C ARG B 434 -11.39 -11.57 -4.13
N ILE B 435 -11.43 -11.80 -5.43
CA ILE B 435 -12.25 -10.98 -6.32
C ILE B 435 -13.58 -11.68 -6.63
N ILE B 436 -14.66 -10.94 -6.47
CA ILE B 436 -16.01 -11.46 -6.69
C ILE B 436 -16.67 -10.70 -7.85
N THR B 437 -16.97 -11.43 -8.92
CA THR B 437 -17.52 -10.82 -10.14
C THR B 437 -18.90 -11.36 -10.51
N ASN B 438 -19.57 -10.65 -11.41
CA ASN B 438 -20.74 -11.17 -12.11
C ASN B 438 -20.29 -11.90 -13.38
N GLU B 439 -20.58 -13.20 -13.44
CA GLU B 439 -20.13 -14.07 -14.54
C GLU B 439 -20.66 -13.65 -15.91
N SER B 440 -21.89 -13.16 -15.95
CA SER B 440 -22.54 -12.74 -17.20
C SER B 440 -21.75 -11.69 -17.98
N ASN B 441 -21.23 -10.70 -17.26
CA ASN B 441 -20.60 -9.51 -17.85
C ASN B 441 -19.10 -9.41 -17.56
N GLY B 442 -18.68 -9.96 -16.42
CA GLY B 442 -17.30 -9.86 -15.94
C GLY B 442 -17.08 -8.75 -14.92
N GLU B 443 -18.14 -7.98 -14.64
CA GLU B 443 -18.03 -6.83 -13.75
C GLU B 443 -17.63 -7.22 -12.33
N VAL B 444 -16.60 -6.54 -11.82
CA VAL B 444 -16.13 -6.73 -10.45
C VAL B 444 -17.12 -6.14 -9.45
N LEU B 445 -17.71 -7.03 -8.63
CA LEU B 445 -18.72 -6.64 -7.65
C LEU B 445 -18.15 -6.53 -6.23
N GLY B 446 -16.98 -7.11 -6.01
CA GLY B 446 -16.33 -7.09 -4.71
C GLY B 446 -14.86 -7.50 -4.73
N VAL B 447 -14.03 -6.76 -3.98
CA VAL B 447 -12.64 -7.12 -3.79
C VAL B 447 -12.37 -7.17 -2.29
N HIS B 448 -11.74 -8.26 -1.84
CA HIS B 448 -11.50 -8.46 -0.41
C HIS B 448 -10.05 -8.87 -0.14
N MET B 449 -9.36 -8.07 0.65
CA MET B 449 -7.95 -8.27 0.90
C MET B 449 -7.61 -8.31 2.38
N LEU B 450 -6.73 -9.24 2.74
CA LEU B 450 -6.18 -9.33 4.08
C LEU B 450 -4.66 -9.36 4.03
N GLY B 451 -4.03 -8.46 4.79
CA GLY B 451 -2.57 -8.38 4.87
C GLY B 451 -2.04 -6.96 4.84
N ASP B 452 -0.75 -6.81 5.15
CA ASP B 452 -0.11 -5.51 5.17
C ASP B 452 -0.26 -4.80 3.82
N SER B 453 -0.59 -3.51 3.90
CA SER B 453 -0.81 -2.62 2.74
C SER B 453 -2.23 -2.66 2.17
N ALA B 454 -3.04 -3.60 2.65
CA ALA B 454 -4.42 -3.76 2.15
C ALA B 454 -5.28 -2.48 2.14
N PRO B 455 -5.27 -1.70 3.25
CA PRO B 455 -6.01 -0.43 3.26
C PRO B 455 -5.54 0.55 2.17
N GLU B 456 -4.25 0.54 1.87
CA GLU B 456 -3.68 1.46 0.89
C GLU B 456 -4.05 1.02 -0.51
N ILE B 457 -4.04 -0.29 -0.75
CA ILE B 457 -4.31 -0.83 -2.07
C ILE B 457 -5.78 -0.67 -2.43
N ILE B 458 -6.66 -1.02 -1.49
CA ILE B 458 -8.11 -1.00 -1.73
C ILE B 458 -8.66 0.37 -2.13
N GLN B 459 -7.93 1.43 -1.77
CA GLN B 459 -8.35 2.79 -2.10
C GLN B 459 -8.45 2.99 -3.61
N SER B 460 -7.33 2.79 -4.30
CA SER B 460 -7.28 2.90 -5.76
C SER B 460 -8.12 1.82 -6.46
N VAL B 461 -8.34 0.71 -5.76
CA VAL B 461 -9.29 -0.30 -6.22
C VAL B 461 -10.69 0.30 -6.29
N GLY B 462 -11.08 0.97 -5.21
CA GLY B 462 -12.42 1.57 -5.10
C GLY B 462 -12.76 2.55 -6.20
N ILE B 463 -11.73 3.11 -6.85
CA ILE B 463 -11.90 3.99 -8.00
C ILE B 463 -12.42 3.18 -9.20
N CYS B 464 -11.77 2.05 -9.45
CA CYS B 464 -12.14 1.14 -10.54
C CYS B 464 -13.56 0.61 -10.42
N MET B 465 -13.95 0.23 -9.21
CA MET B 465 -15.29 -0.28 -8.98
C MET B 465 -16.35 0.81 -9.14
N LYS B 466 -15.97 2.05 -8.82
CA LYS B 466 -16.80 3.23 -9.07
C LYS B 466 -16.87 3.51 -10.58
N MET B 467 -15.81 3.15 -11.30
CA MET B 467 -15.75 3.23 -12.75
C MET B 467 -16.35 1.99 -13.43
N GLY B 468 -17.03 1.16 -12.63
CA GLY B 468 -17.65 -0.08 -13.11
C GLY B 468 -16.71 -1.05 -13.81
N ALA B 469 -15.52 -1.23 -13.24
CA ALA B 469 -14.48 -2.08 -13.84
C ALA B 469 -14.82 -3.56 -13.86
N LYS B 470 -14.25 -4.26 -14.85
CA LYS B 470 -14.43 -5.69 -15.02
C LYS B 470 -13.15 -6.46 -14.72
N ILE B 471 -13.28 -7.75 -14.44
CA ILE B 471 -12.13 -8.62 -14.13
C ILE B 471 -11.12 -8.63 -15.27
N SER B 472 -11.61 -8.41 -16.49
CA SER B 472 -10.77 -8.28 -17.67
C SER B 472 -9.85 -7.05 -17.62
N ASP B 473 -10.33 -5.99 -16.97
CA ASP B 473 -9.55 -4.76 -16.78
C ASP B 473 -8.40 -4.94 -15.79
N PHE B 474 -8.61 -5.80 -14.80
CA PHE B 474 -7.59 -6.13 -13.81
C PHE B 474 -6.41 -6.86 -14.45
N HIS B 475 -6.68 -8.06 -14.98
CA HIS B 475 -5.61 -8.95 -15.44
C HIS B 475 -5.03 -8.62 -16.82
N SER B 476 -5.39 -7.45 -17.37
CA SER B 476 -4.77 -6.96 -18.59
C SER B 476 -3.77 -5.83 -18.29
N THR B 477 -3.79 -5.36 -17.04
CA THR B 477 -2.86 -4.34 -16.58
C THR B 477 -1.55 -5.02 -16.20
N ILE B 478 -0.44 -4.49 -16.72
CA ILE B 478 0.89 -5.02 -16.41
C ILE B 478 1.23 -4.77 -14.94
N GLY B 479 1.77 -5.79 -14.27
CA GLY B 479 2.03 -5.72 -12.83
C GLY B 479 3.20 -4.87 -12.41
N VAL B 480 3.27 -4.57 -11.12
CA VAL B 480 4.39 -3.85 -10.51
C VAL B 480 5.11 -4.81 -9.57
N HIS B 481 6.31 -5.23 -9.98
CA HIS B 481 7.03 -6.32 -9.31
C HIS B 481 8.25 -5.82 -8.52
N PRO B 482 8.41 -6.27 -7.26
CA PRO B 482 7.54 -7.15 -6.49
C PRO B 482 6.65 -6.42 -5.47
N THR B 483 5.34 -6.63 -5.57
CA THR B 483 4.39 -6.10 -4.59
C THR B 483 3.35 -7.16 -4.23
N SER B 484 2.62 -6.93 -3.15
CA SER B 484 1.46 -7.74 -2.84
C SER B 484 0.31 -7.39 -3.78
N ALA B 485 0.27 -6.14 -4.21
CA ALA B 485 -0.82 -5.63 -5.05
C ALA B 485 -0.81 -6.17 -6.47
N GLU B 486 0.38 -6.50 -7.00
CA GLU B 486 0.53 -7.01 -8.36
C GLU B 486 -0.28 -8.30 -8.59
N GLU B 487 -0.64 -8.96 -7.50
CA GLU B 487 -1.34 -10.23 -7.56
C GLU B 487 -2.81 -10.06 -7.96
N LEU B 488 -3.33 -8.83 -7.86
CA LEU B 488 -4.67 -8.50 -8.36
C LEU B 488 -4.81 -8.71 -9.87
N CYS B 489 -3.70 -8.61 -10.57
CA CYS B 489 -3.68 -8.71 -12.03
C CYS B 489 -3.27 -10.09 -12.54
N SER B 490 -3.13 -11.06 -11.62
CA SER B 490 -2.75 -12.42 -12.00
C SER B 490 -3.88 -13.43 -11.84
N MET B 491 -4.96 -13.03 -11.20
CA MET B 491 -6.13 -13.89 -11.05
C MET B 491 -6.94 -13.95 -12.35
N ARG B 492 -6.77 -15.06 -13.07
CA ARG B 492 -7.42 -15.28 -14.37
C ARG B 492 -8.61 -16.25 -14.29
N THR B 493 -8.38 -17.40 -13.66
CA THR B 493 -9.37 -18.47 -13.61
C THR B 493 -10.09 -18.48 -12.27
N PRO B 494 -11.44 -18.43 -12.28
CA PRO B 494 -12.24 -18.47 -11.06
C PRO B 494 -12.00 -19.76 -10.28
N ALA B 495 -11.89 -19.65 -8.95
CA ALA B 495 -11.75 -20.82 -8.08
C ALA B 495 -13.03 -21.66 -8.09
N TYR B 496 -14.18 -20.99 -8.22
CA TYR B 496 -15.48 -21.65 -8.37
C TYR B 496 -16.58 -20.61 -8.67
N PHE B 497 -17.84 -21.06 -8.62
CA PHE B 497 -18.97 -20.23 -9.05
C PHE B 497 -20.18 -20.30 -8.12
N TYR B 498 -21.12 -19.37 -8.30
CA TYR B 498 -22.47 -19.48 -7.75
C TYR B 498 -23.48 -19.33 -8.88
N GLU B 499 -24.31 -20.35 -9.07
CA GLU B 499 -25.35 -20.35 -10.11
C GLU B 499 -26.73 -20.20 -9.45
N SER B 500 -27.21 -18.96 -9.43
CA SER B 500 -28.44 -18.56 -8.71
C SER B 500 -28.58 -19.18 -7.30
N GLY B 501 -27.68 -18.77 -6.41
CA GLY B 501 -27.74 -19.14 -5.01
C GLY B 501 -27.00 -20.40 -4.62
N LYS B 502 -26.79 -21.29 -5.58
CA LYS B 502 -26.12 -22.58 -5.30
C LYS B 502 -24.61 -22.56 -5.58
N ARG B 503 -23.85 -23.09 -4.64
CA ARG B 503 -22.39 -23.15 -4.76
C ARG B 503 -21.99 -24.25 -5.75
N VAL B 504 -21.89 -23.89 -7.02
CA VAL B 504 -21.51 -24.87 -8.05
C VAL B 504 -20.04 -24.80 -8.39
N GLU B 505 -19.44 -25.97 -8.62
CA GLU B 505 -18.01 -26.04 -8.91
C GLU B 505 -17.69 -25.71 -10.37
N LYS B 506 -18.65 -25.91 -11.27
CA LYS B 506 -18.46 -25.58 -12.69
C LYS B 506 -19.76 -25.07 -13.32
N LEU B 507 -19.68 -24.67 -14.59
CA LEU B 507 -20.83 -24.12 -15.31
C LEU B 507 -21.40 -25.08 -16.38
N SER B 508 -22.71 -25.01 -16.58
CA SER B 508 -23.41 -25.88 -17.52
C SER B 508 -23.80 -25.14 -18.80
#